data_2WHB
#
_entry.id   2WHB
#
_cell.length_a   74.423
_cell.length_b   114.924
_cell.length_c   154.468
_cell.angle_alpha   90.00
_cell.angle_beta   90.00
_cell.angle_gamma   90.00
#
_symmetry.space_group_name_H-M   'P 21 21 21'
#
loop_
_entity.id
_entity.type
_entity.pdbx_description
1 polymer 'CELL DIVISION PROTEIN KINASE 2'
2 polymer CYCLIN-A2
3 polymer ARG-ARG-L3O-PFF
4 water water
#
loop_
_entity_poly.entity_id
_entity_poly.type
_entity_poly.pdbx_seq_one_letter_code
_entity_poly.pdbx_strand_id
1 'polypeptide(L)'
;MENFQKVEKIGEGTYGVVYKARNKLTGEVVALKKIRLDTETEGVPSTAIREISLLKELNHPNIVKLLDVIHTENKLYLVF
EFLHQDLKKFMDASALTGIPLPLIKSYLFQLLQGLAFCHSHRVLHRDLKPQNLLINTEGAIKLADFGLARAFGVPVRTYT
HEVVTLWYRAPEILLGCKYYSTAVDIWSLGCIFAEMVTRRALFPGDSEIDQLFRIFRTLGTPDEVVWPGVTSMPDYKPSF
PKWARQDFSKVVPPLDEDGRSLLSQMLHYDPNKRISAKAALAHPFFQDVTKPVPHLRL
;
A,C
2 'polypeptide(L)'
;NEVPDYHEDIHTYLREMEVKCKPKVGYMKKQPDITNSMRAILVDWLVEVGEEYKLQNETLHLAVNYIDRFLSSMSVLRGK
LQLVGTAAMLLASKFEEIYPPEVAEFVYITDDTYTKKQVLRMEHLVLKVLTFDLAAPTVNQFLTQYFLHQQPANCKVESL
AMFLGELSLIDADPYLKYLPSVIAGAAFHLALYTVTGQSWPESLIRKTGYTLESLKPCLMDLHQTYLKAPQHAQQSIREK
YKNSKYHGVSLLNPPETLNL
;
B,D
3 'polypeptide(L)' RR(L3O)(PFF)(NH2) E,F
#
# COMPACT_ATOMS: atom_id res chain seq x y z
N MET A 1 19.47 3.32 -3.72
CA MET A 1 20.85 2.82 -3.42
C MET A 1 22.05 3.73 -3.76
N GLU A 2 21.74 4.72 -4.58
CA GLU A 2 22.73 5.69 -4.98
C GLU A 2 22.58 6.79 -3.96
N ASN A 3 21.55 6.76 -3.13
CA ASN A 3 21.40 7.76 -2.07
C ASN A 3 22.21 7.46 -0.80
N PHE A 4 22.53 6.18 -0.60
CA PHE A 4 23.38 5.76 0.50
C PHE A 4 24.87 5.76 0.23
N GLN A 5 25.62 6.15 1.25
CA GLN A 5 27.08 6.30 1.25
C GLN A 5 27.64 5.41 2.37
N LYS A 6 28.43 4.41 1.98
CA LYS A 6 28.87 3.38 2.91
C LYS A 6 29.98 3.92 3.82
N VAL A 7 29.90 3.62 5.12
CA VAL A 7 30.85 4.26 6.02
C VAL A 7 31.90 3.23 6.43
N GLU A 8 31.46 2.06 6.87
CA GLU A 8 32.31 0.95 7.24
C GLU A 8 31.53 -0.33 7.53
N LYS A 9 32.13 -1.51 7.36
CA LYS A 9 31.49 -2.78 7.66
C LYS A 9 31.33 -2.90 9.16
N ILE A 10 30.25 -3.50 9.63
CA ILE A 10 30.12 -3.72 11.08
C ILE A 10 29.60 -5.13 11.43
N GLY A 11 29.90 -6.13 10.61
CA GLY A 11 29.46 -7.45 11.01
C GLY A 11 28.73 -8.18 9.91
N GLU A 12 28.38 -9.43 10.21
CA GLU A 12 27.83 -10.33 9.19
C GLU A 12 26.76 -11.22 9.80
N GLY A 13 25.61 -11.07 9.10
CA GLY A 13 24.33 -11.78 9.28
C GLY A 13 24.68 -13.22 8.83
N THR A 14 23.95 -14.06 9.58
CA THR A 14 23.82 -15.50 9.26
C THR A 14 23.88 -15.52 7.72
N TYR A 15 23.27 -14.51 7.09
CA TYR A 15 23.41 -14.41 5.64
C TYR A 15 23.57 -12.92 5.29
N GLY A 16 24.46 -12.65 4.33
CA GLY A 16 24.85 -11.25 4.02
C GLY A 16 25.72 -10.54 5.06
N VAL A 17 26.22 -9.39 4.58
CA VAL A 17 27.16 -8.52 5.28
C VAL A 17 26.56 -7.14 5.56
N VAL A 18 26.78 -6.63 6.77
CA VAL A 18 26.20 -5.40 7.33
C VAL A 18 27.16 -4.18 7.33
N TYR A 19 26.78 -3.14 6.59
CA TYR A 19 27.56 -1.92 6.64
C TYR A 19 26.85 -0.85 7.44
N LYS A 20 27.59 0.06 8.04
CA LYS A 20 27.03 1.32 8.45
C LYS A 20 27.05 2.18 7.19
N ALA A 21 25.93 2.83 6.86
CA ALA A 21 25.84 3.71 5.69
C ALA A 21 25.09 4.97 6.10
N ARG A 22 25.09 5.98 5.23
CA ARG A 22 24.28 7.16 5.53
C ARG A 22 23.57 7.70 4.31
N ASN A 23 22.28 8.03 4.48
CA ASN A 23 21.46 8.68 3.48
C ASN A 23 22.05 10.04 3.17
N LYS A 24 22.40 10.24 1.90
CA LYS A 24 23.10 11.46 1.53
C LYS A 24 22.15 12.62 1.38
N LEU A 25 20.85 12.34 1.52
CA LEU A 25 19.88 13.44 1.38
C LEU A 25 19.16 13.80 2.67
N THR A 26 18.91 12.83 3.54
CA THR A 26 18.13 13.10 4.76
C THR A 26 19.08 13.15 5.94
N GLY A 27 20.25 12.61 5.64
CA GLY A 27 21.31 12.54 6.63
C GLY A 27 21.27 11.45 7.68
N GLU A 28 20.25 10.62 7.60
CA GLU A 28 19.98 9.50 8.51
C GLU A 28 21.05 8.40 8.41
N VAL A 29 21.46 7.87 9.56
CA VAL A 29 22.40 6.75 9.61
C VAL A 29 21.70 5.39 9.73
N VAL A 30 22.14 4.49 8.86
CA VAL A 30 21.46 3.23 8.69
C VAL A 30 22.38 2.00 8.63
N ALA A 31 21.88 0.80 8.92
CA ALA A 31 22.63 -0.45 8.75
C ALA A 31 22.14 -1.07 7.46
N LEU A 32 23.07 -1.46 6.59
CA LEU A 32 22.71 -1.91 5.27
C LEU A 32 23.13 -3.35 5.15
N LYS A 33 22.21 -4.31 5.15
CA LYS A 33 22.46 -5.71 4.85
C LYS A 33 22.33 -5.99 3.36
N LYS A 34 23.48 -6.42 2.85
CA LYS A 34 23.76 -6.54 1.42
C LYS A 34 23.89 -8.03 1.19
N ILE A 35 23.08 -8.56 0.27
CA ILE A 35 22.94 -9.99 0.07
C ILE A 35 23.08 -10.27 -1.42
N ARG A 36 24.06 -11.13 -1.67
CA ARG A 36 24.38 -11.60 -3.04
C ARG A 36 23.39 -12.64 -3.58
N LEU A 37 22.87 -12.29 -4.74
CA LEU A 37 21.90 -13.17 -5.37
C LEU A 37 22.60 -14.10 -6.41
N ASP A 38 22.92 -15.34 -6.04
CA ASP A 38 23.22 -16.30 -7.13
C ASP A 38 22.01 -16.62 -8.00
N THR A 39 21.84 -15.79 -9.02
CA THR A 39 20.70 -15.83 -9.94
C THR A 39 20.74 -17.16 -10.74
N GLU A 40 21.95 -17.70 -10.92
CA GLU A 40 22.20 -19.04 -11.47
C GLU A 40 22.03 -20.12 -10.39
N THR A 41 22.52 -19.87 -9.18
CA THR A 41 22.64 -20.83 -8.08
C THR A 41 21.25 -21.18 -7.54
N GLU A 42 20.76 -20.49 -6.52
CA GLU A 42 19.56 -20.94 -5.81
C GLU A 42 18.49 -19.88 -5.63
N GLY A 43 18.61 -18.72 -6.27
CA GLY A 43 17.71 -17.63 -5.94
C GLY A 43 17.79 -16.89 -4.61
N VAL A 44 16.72 -16.17 -4.27
CA VAL A 44 16.67 -15.42 -3.03
C VAL A 44 16.72 -16.45 -1.92
N PRO A 45 17.73 -16.32 -1.08
CA PRO A 45 17.82 -17.28 0.01
C PRO A 45 16.60 -17.15 0.95
N SER A 46 16.28 -18.23 1.62
CA SER A 46 15.17 -18.30 2.55
C SER A 46 15.40 -17.61 3.88
N THR A 47 16.64 -17.35 4.25
CA THR A 47 16.85 -16.59 5.48
C THR A 47 16.35 -15.17 5.26
N ALA A 48 16.63 -14.63 4.09
CA ALA A 48 16.09 -13.31 3.71
C ALA A 48 14.57 -13.28 3.50
N ILE A 49 14.07 -14.33 2.85
CA ILE A 49 12.64 -14.46 2.58
C ILE A 49 11.84 -14.29 3.88
N ARG A 50 12.26 -14.96 4.95
CA ARG A 50 11.63 -14.93 6.27
C ARG A 50 11.91 -13.65 7.05
N GLU A 51 13.17 -13.23 7.14
CA GLU A 51 13.41 -12.05 7.92
C GLU A 51 12.63 -10.88 7.36
N ILE A 52 12.53 -10.75 6.04
CA ILE A 52 11.84 -9.60 5.44
C ILE A 52 10.35 -9.72 5.66
N SER A 53 9.79 -10.92 5.45
CA SER A 53 8.34 -11.02 5.54
C SER A 53 7.86 -10.79 6.96
N LEU A 54 8.48 -11.43 7.93
CA LEU A 54 8.13 -11.20 9.34
C LEU A 54 8.56 -9.80 9.82
N LEU A 55 9.77 -9.29 9.52
CA LEU A 55 10.03 -7.99 10.11
C LEU A 55 9.10 -6.89 9.59
N LYS A 56 8.62 -6.98 8.36
CA LYS A 56 7.70 -5.99 7.79
C LYS A 56 6.41 -5.89 8.60
N GLU A 57 5.98 -6.97 9.27
CA GLU A 57 4.75 -6.93 10.10
C GLU A 57 5.00 -6.52 11.54
N LEU A 58 6.23 -6.66 12.01
CA LEU A 58 6.51 -6.56 13.44
C LEU A 58 7.01 -5.16 13.65
N ASN A 59 6.14 -4.24 13.95
CA ASN A 59 6.57 -2.88 14.21
C ASN A 59 6.38 -2.61 15.69
N HIS A 60 7.50 -2.38 16.38
CA HIS A 60 7.44 -2.28 17.83
C HIS A 60 8.78 -1.73 18.30
N PRO A 61 8.78 -0.97 19.40
CA PRO A 61 9.93 -0.26 19.97
C PRO A 61 11.15 -1.12 20.30
N ASN A 62 10.92 -2.36 20.71
CA ASN A 62 11.96 -3.34 20.95
C ASN A 62 12.16 -4.41 19.87
N ILE A 63 11.77 -4.10 18.63
CA ILE A 63 12.15 -4.92 17.48
C ILE A 63 12.83 -4.10 16.39
N VAL A 64 14.02 -4.51 15.97
CA VAL A 64 14.76 -3.71 15.04
C VAL A 64 13.90 -3.36 13.83
N LYS A 65 13.87 -2.10 13.45
CA LYS A 65 13.01 -1.70 12.35
C LYS A 65 13.71 -1.93 11.03
N LEU A 66 13.00 -2.67 10.19
CA LEU A 66 13.36 -2.75 8.76
C LEU A 66 12.79 -1.53 8.04
N LEU A 67 13.68 -0.68 7.55
CA LEU A 67 13.24 0.63 7.12
C LEU A 67 12.79 0.55 5.65
N ASP A 68 13.48 -0.21 4.80
CA ASP A 68 13.29 -0.22 3.35
C ASP A 68 14.05 -1.40 2.80
N VAL A 69 13.46 -2.02 1.78
CA VAL A 69 14.14 -3.10 1.05
C VAL A 69 14.43 -2.67 -0.38
N ILE A 70 15.64 -2.87 -0.88
CA ILE A 70 15.98 -2.40 -2.22
C ILE A 70 16.34 -3.58 -3.11
N HIS A 71 15.55 -3.83 -4.15
CA HIS A 71 15.65 -5.04 -5.01
C HIS A 71 16.17 -4.65 -6.39
N THR A 72 17.37 -5.14 -6.73
CA THR A 72 17.92 -5.03 -8.07
C THR A 72 18.14 -6.51 -8.45
N GLU A 73 18.34 -6.76 -9.73
CA GLU A 73 18.54 -8.15 -10.12
C GLU A 73 19.80 -8.80 -9.51
N ASN A 74 20.81 -8.00 -9.16
CA ASN A 74 22.10 -8.59 -8.79
C ASN A 74 22.13 -8.67 -7.26
N LYS A 75 21.73 -7.58 -6.62
CA LYS A 75 21.86 -7.51 -5.18
C LYS A 75 20.52 -7.20 -4.50
N LEU A 76 20.37 -7.67 -3.26
CA LEU A 76 19.18 -7.36 -2.45
C LEU A 76 19.65 -6.64 -1.19
N TYR A 77 19.20 -5.41 -0.95
CA TYR A 77 19.60 -4.64 0.21
C TYR A 77 18.51 -4.52 1.24
N LEU A 78 18.90 -4.73 2.49
CA LEU A 78 17.98 -4.55 3.60
C LEU A 78 18.41 -3.37 4.47
N VAL A 79 17.65 -2.30 4.53
CA VAL A 79 18.03 -1.11 5.26
C VAL A 79 17.39 -1.15 6.62
N PHE A 80 18.21 -1.23 7.65
CA PHE A 80 17.74 -1.18 9.04
C PHE A 80 18.05 0.17 9.69
N GLU A 81 17.26 0.54 10.68
CA GLU A 81 17.62 1.63 11.56
C GLU A 81 18.95 1.22 12.19
N PHE A 82 19.81 2.18 12.52
CA PHE A 82 21.10 1.86 13.09
C PHE A 82 21.06 1.69 14.60
N LEU A 83 21.77 0.72 15.14
CA LEU A 83 21.91 0.61 16.60
C LEU A 83 23.39 0.39 16.89
N HIS A 84 23.87 1.00 17.98
CA HIS A 84 25.33 1.18 18.23
C HIS A 84 26.18 -0.07 18.58
N GLN A 85 25.68 -1.06 19.32
CA GLN A 85 26.26 -2.42 19.30
C GLN A 85 25.40 -3.59 19.81
N ASP A 86 26.03 -4.76 19.86
CA ASP A 86 25.36 -5.92 20.41
C ASP A 86 25.65 -6.25 21.87
N LEU A 87 24.78 -7.00 22.55
CA LEU A 87 24.85 -7.19 24.00
C LEU A 87 26.07 -8.07 24.30
N LYS A 88 26.40 -8.97 23.39
CA LYS A 88 27.57 -9.81 23.50
C LYS A 88 28.84 -8.95 23.62
N LYS A 89 29.06 -8.08 22.64
CA LYS A 89 30.16 -7.15 22.64
C LYS A 89 30.07 -6.26 23.87
N PHE A 90 28.88 -5.92 24.37
CA PHE A 90 28.83 -4.95 25.44
C PHE A 90 29.26 -5.77 26.65
N MET A 91 28.90 -7.04 26.65
CA MET A 91 29.15 -7.89 27.81
C MET A 91 30.63 -8.16 28.00
N ASP A 92 31.37 -8.29 26.91
CA ASP A 92 32.80 -8.61 26.95
C ASP A 92 33.56 -7.34 27.30
N ALA A 93 33.00 -6.23 26.82
CA ALA A 93 33.57 -4.92 27.08
C ALA A 93 33.19 -4.50 28.49
N SER A 94 32.44 -5.33 29.22
CA SER A 94 31.81 -4.91 30.47
C SER A 94 31.95 -5.94 31.60
N ALA A 95 32.75 -7.00 31.40
CA ALA A 95 33.09 -7.94 32.47
C ALA A 95 34.15 -7.32 33.36
N LEU A 96 34.41 -7.91 34.53
CA LEU A 96 35.34 -7.36 35.52
C LEU A 96 34.77 -6.19 36.31
N THR A 97 33.88 -5.41 35.69
CA THR A 97 33.08 -4.42 36.40
C THR A 97 31.65 -4.92 36.53
N GLY A 98 31.07 -5.43 35.43
CA GLY A 98 29.68 -5.92 35.43
C GLY A 98 28.61 -4.94 34.97
N ILE A 99 27.62 -5.40 34.21
CA ILE A 99 26.49 -4.56 33.81
C ILE A 99 25.66 -4.30 35.07
N PRO A 100 25.44 -3.02 35.40
CA PRO A 100 24.63 -2.62 36.54
C PRO A 100 23.35 -3.42 36.59
N LEU A 101 23.06 -3.99 37.75
CA LEU A 101 21.76 -4.60 37.99
C LEU A 101 20.55 -3.91 37.35
N PRO A 102 20.38 -2.62 37.51
CA PRO A 102 19.20 -2.05 36.90
C PRO A 102 19.24 -1.68 35.40
N LEU A 103 20.45 -1.74 34.83
CA LEU A 103 20.52 -1.81 33.37
C LEU A 103 20.00 -3.15 32.86
N ILE A 104 20.34 -4.22 33.58
CA ILE A 104 19.96 -5.60 33.28
C ILE A 104 18.44 -5.77 33.32
N LYS A 105 17.85 -5.10 34.30
CA LYS A 105 16.41 -5.30 34.53
C LYS A 105 15.56 -4.54 33.48
N SER A 106 16.15 -3.46 32.98
CA SER A 106 15.50 -2.68 31.95
C SER A 106 15.60 -3.36 30.57
N TYR A 107 16.78 -3.87 30.27
CA TYR A 107 16.97 -4.77 29.14
C TYR A 107 16.07 -6.01 29.07
N LEU A 108 16.03 -6.79 30.15
CA LEU A 108 15.18 -7.99 30.15
C LEU A 108 13.73 -7.60 29.94
N PHE A 109 13.37 -6.46 30.50
CA PHE A 109 11.98 -6.03 30.55
C PHE A 109 11.68 -5.64 29.10
N GLN A 110 12.55 -4.78 28.57
CA GLN A 110 12.43 -4.35 27.18
C GLN A 110 12.41 -5.55 26.22
N LEU A 111 13.19 -6.61 26.41
CA LEU A 111 13.25 -7.77 25.53
C LEU A 111 11.94 -8.54 25.71
N LEU A 112 11.48 -8.79 26.93
CA LEU A 112 10.26 -9.58 27.17
C LEU A 112 9.12 -8.84 26.53
N GLN A 113 9.16 -7.53 26.49
CA GLN A 113 8.15 -6.80 25.75
C GLN A 113 8.07 -7.04 24.24
N GLY A 114 9.16 -6.88 23.48
CA GLY A 114 9.18 -7.27 22.06
C GLY A 114 8.96 -8.74 21.79
N LEU A 115 9.50 -9.58 22.67
CA LEU A 115 9.29 -11.03 22.64
C LEU A 115 7.78 -11.25 22.74
N ALA A 116 7.10 -10.41 23.51
CA ALA A 116 5.69 -10.63 23.78
C ALA A 116 4.92 -10.18 22.54
N PHE A 117 5.44 -9.19 21.85
CA PHE A 117 4.71 -8.70 20.70
C PHE A 117 4.96 -9.69 19.56
N CYS A 118 6.10 -10.37 19.65
CA CYS A 118 6.46 -11.30 18.59
C CYS A 118 5.51 -12.48 18.72
N HIS A 119 5.31 -12.93 19.95
CA HIS A 119 4.58 -14.16 20.18
C HIS A 119 3.10 -13.91 19.89
N SER A 120 2.62 -12.72 20.18
CA SER A 120 1.22 -12.41 19.90
C SER A 120 0.96 -12.17 18.42
N HIS A 121 2.02 -12.01 17.64
CA HIS A 121 1.91 -12.02 16.18
C HIS A 121 2.40 -13.34 15.56
N ARG A 122 2.06 -14.47 16.15
CA ARG A 122 2.52 -15.78 15.67
C ARG A 122 3.89 -15.72 15.02
N VAL A 123 4.90 -15.22 15.73
CA VAL A 123 6.27 -15.31 15.23
C VAL A 123 7.18 -15.80 16.33
N LEU A 124 7.86 -16.94 16.15
CA LEU A 124 8.97 -17.43 17.01
C LEU A 124 10.32 -16.93 16.55
N HIS A 125 11.13 -16.33 17.43
CA HIS A 125 12.47 -15.88 16.98
C HIS A 125 13.43 -17.03 16.65
N ARG A 126 13.54 -17.89 17.64
CA ARG A 126 14.11 -19.23 17.51
C ARG A 126 15.62 -19.17 17.62
N ASP A 127 16.22 -17.97 17.65
CA ASP A 127 17.66 -17.92 17.77
C ASP A 127 18.08 -16.73 18.61
N LEU A 128 17.47 -16.59 19.79
CA LEU A 128 17.85 -15.51 20.67
C LEU A 128 19.21 -15.84 21.28
N LYS A 129 20.15 -14.89 21.17
CA LYS A 129 21.41 -14.86 21.87
C LYS A 129 22.00 -13.46 21.91
N PRO A 130 22.94 -13.21 22.82
CA PRO A 130 23.37 -11.85 23.01
C PRO A 130 23.84 -11.21 21.70
N GLN A 131 24.58 -11.95 20.88
CA GLN A 131 24.89 -11.44 19.56
C GLN A 131 23.74 -10.92 18.73
N ASN A 132 22.52 -11.44 18.87
CA ASN A 132 21.33 -10.96 18.15
C ASN A 132 20.50 -9.85 18.79
N LEU A 133 21.03 -9.30 19.88
CA LEU A 133 20.34 -8.28 20.64
C LEU A 133 21.19 -7.00 20.50
N LEU A 134 20.55 -5.93 20.04
CA LEU A 134 21.14 -4.64 19.73
C LEU A 134 20.72 -3.57 20.73
N ILE A 135 21.67 -2.70 21.04
CA ILE A 135 21.46 -1.65 22.05
C ILE A 135 22.03 -0.33 21.50
N ASN A 136 21.36 0.76 21.87
CA ASN A 136 21.78 2.12 21.57
C ASN A 136 22.24 2.89 22.82
N THR A 137 22.76 4.10 22.63
CA THR A 137 23.38 4.91 23.69
C THR A 137 22.29 5.49 24.60
N GLU A 138 21.02 5.40 24.23
CA GLU A 138 19.95 5.88 25.11
C GLU A 138 19.41 4.72 25.96
N GLY A 139 19.98 3.52 25.83
CA GLY A 139 19.55 2.42 26.66
C GLY A 139 18.34 1.61 26.23
N ALA A 140 17.81 1.79 25.02
CA ALA A 140 16.96 0.81 24.33
C ALA A 140 17.70 -0.48 23.99
N ILE A 141 17.03 -1.65 24.05
CA ILE A 141 17.53 -2.91 23.48
C ILE A 141 16.46 -3.54 22.56
N LYS A 142 16.82 -4.24 21.48
CA LYS A 142 15.85 -4.67 20.48
C LYS A 142 16.29 -5.99 19.89
N LEU A 143 15.28 -6.81 19.55
CA LEU A 143 15.48 -8.16 19.02
C LEU A 143 15.83 -7.89 17.57
N ALA A 144 16.98 -8.37 17.14
CA ALA A 144 17.50 -8.22 15.77
C ALA A 144 17.75 -9.62 15.20
N ASP A 145 17.99 -9.68 13.91
CA ASP A 145 18.35 -10.90 13.18
C ASP A 145 17.28 -11.96 13.17
N PHE A 146 16.40 -11.93 12.18
CA PHE A 146 15.29 -12.86 12.16
C PHE A 146 15.36 -13.92 11.07
N GLY A 147 16.52 -14.20 10.49
CA GLY A 147 16.68 -15.24 9.49
C GLY A 147 16.19 -16.62 9.88
N LEU A 148 16.14 -16.96 11.17
CA LEU A 148 15.58 -18.24 11.56
C LEU A 148 14.15 -18.15 12.12
N ALA A 149 13.59 -16.96 12.35
CA ALA A 149 12.23 -16.79 12.84
C ALA A 149 11.27 -17.51 11.91
N ARG A 150 10.24 -18.14 12.47
CA ARG A 150 9.21 -18.79 11.69
C ARG A 150 7.81 -18.41 12.16
N ALA A 151 6.85 -18.25 11.26
CA ALA A 151 5.41 -18.02 11.54
C ALA A 151 4.82 -19.32 12.10
N PHE A 152 4.19 -19.23 13.25
CA PHE A 152 3.49 -20.41 13.80
C PHE A 152 1.95 -20.46 13.77
N GLY A 153 1.37 -19.98 12.67
CA GLY A 153 -0.04 -20.22 12.38
C GLY A 153 -0.36 -21.71 12.41
N VAL A 154 0.58 -22.52 11.93
CA VAL A 154 0.68 -23.96 12.12
C VAL A 154 1.96 -24.21 12.94
N PRO A 155 1.97 -25.25 13.80
CA PRO A 155 3.18 -25.58 14.52
C PRO A 155 4.38 -25.69 13.58
N VAL A 156 5.55 -25.52 14.16
CA VAL A 156 6.82 -25.52 13.44
C VAL A 156 7.64 -26.74 13.89
N ARG A 157 8.07 -27.54 12.92
CA ARG A 157 8.77 -28.80 13.17
C ARG A 157 10.28 -28.60 13.30
N THR A 158 10.81 -29.50 14.10
CA THR A 158 12.22 -29.38 14.40
C THR A 158 13.13 -30.02 13.35
N TYR A 159 14.18 -29.25 13.07
CA TYR A 159 15.29 -29.67 12.19
C TYR A 159 15.94 -30.85 12.92
N THR A 160 15.63 -32.09 12.54
CA THR A 160 16.14 -33.24 13.33
C THR A 160 17.67 -33.24 13.35
N HIS A 161 18.21 -32.65 12.29
CA HIS A 161 19.55 -32.03 12.30
C HIS A 161 19.37 -30.53 12.57
N GLU A 162 19.45 -30.23 13.87
CA GLU A 162 19.31 -28.83 14.31
C GLU A 162 20.26 -27.87 13.53
N VAL A 163 19.83 -26.69 13.09
CA VAL A 163 20.86 -25.73 12.67
C VAL A 163 20.87 -24.43 13.49
N VAL A 164 20.84 -24.54 14.83
CA VAL A 164 20.21 -23.49 15.65
C VAL A 164 20.88 -23.32 17.02
N THR A 165 22.19 -23.12 17.11
CA THR A 165 22.85 -22.82 18.39
C THR A 165 22.88 -23.85 19.51
N LEU A 166 23.87 -23.75 20.39
CA LEU A 166 23.88 -24.72 21.48
C LEU A 166 23.63 -24.15 22.87
N TRP A 167 24.52 -23.26 23.29
CA TRP A 167 24.46 -22.74 24.65
C TRP A 167 23.08 -22.29 25.10
N TYR A 168 22.12 -22.03 24.20
CA TYR A 168 20.88 -21.35 24.60
C TYR A 168 19.71 -22.19 24.12
N ARG A 169 19.94 -23.48 23.91
CA ARG A 169 18.89 -24.35 23.44
C ARG A 169 18.13 -25.02 24.56
N ALA A 170 16.83 -25.19 24.33
CA ALA A 170 15.91 -25.79 25.30
C ALA A 170 16.07 -27.31 25.49
N PRO A 171 15.96 -27.78 26.74
CA PRO A 171 15.99 -29.20 26.97
C PRO A 171 15.05 -30.03 26.07
N GLU A 172 13.81 -29.59 25.92
CA GLU A 172 12.90 -30.25 24.99
C GLU A 172 13.36 -30.36 23.53
N ILE A 173 14.26 -29.48 23.09
CA ILE A 173 14.81 -29.55 21.76
C ILE A 173 16.00 -30.49 21.82
N LEU A 174 16.80 -30.40 22.88
CA LEU A 174 17.94 -31.27 23.10
C LEU A 174 17.53 -32.74 23.26
N LEU A 175 16.32 -33.01 23.75
CA LEU A 175 15.81 -34.37 23.90
C LEU A 175 14.89 -34.83 22.76
N GLY A 176 14.90 -34.06 21.68
CA GLY A 176 14.34 -34.54 20.42
C GLY A 176 12.84 -34.43 20.22
N CYS A 177 12.26 -33.37 20.78
CA CYS A 177 10.87 -32.99 20.51
C CYS A 177 10.56 -32.65 19.03
N LYS A 178 9.31 -32.89 18.63
CA LYS A 178 8.92 -32.91 17.21
C LYS A 178 8.62 -31.49 16.69
N TYR A 179 8.27 -30.64 17.64
CA TYR A 179 7.88 -29.25 17.45
C TYR A 179 8.54 -28.26 18.44
N TYR A 180 8.62 -27.02 17.96
CA TYR A 180 9.07 -25.88 18.75
C TYR A 180 7.83 -25.32 19.45
N SER A 181 8.02 -24.36 20.34
CA SER A 181 6.95 -23.72 21.11
C SER A 181 7.49 -22.32 21.37
N THR A 182 6.60 -21.40 21.75
CA THR A 182 7.05 -20.08 22.23
C THR A 182 7.97 -20.24 23.44
N ALA A 183 7.70 -21.32 24.15
CA ALA A 183 8.52 -21.64 25.30
C ALA A 183 10.02 -21.55 24.98
N VAL A 184 10.48 -21.89 23.79
CA VAL A 184 11.95 -21.86 23.52
C VAL A 184 12.63 -20.47 23.54
N ASP A 185 11.87 -19.43 23.18
CA ASP A 185 12.45 -18.08 23.24
C ASP A 185 12.55 -17.74 24.71
N ILE A 186 11.62 -18.19 25.54
CA ILE A 186 11.69 -17.80 26.95
C ILE A 186 12.92 -18.40 27.66
N TRP A 187 13.20 -19.64 27.28
CA TRP A 187 14.37 -20.33 27.80
C TRP A 187 15.64 -19.56 27.52
N SER A 188 15.87 -19.24 26.25
CA SER A 188 17.03 -18.46 25.85
C SER A 188 17.14 -17.16 26.62
N LEU A 189 16.05 -16.43 26.75
CA LEU A 189 16.11 -15.10 27.38
C LEU A 189 16.45 -15.30 28.84
N GLY A 190 15.96 -16.36 29.48
CA GLY A 190 16.38 -16.65 30.85
C GLY A 190 17.86 -16.93 31.02
N CYS A 191 18.41 -17.58 30.00
CA CYS A 191 19.83 -17.88 29.92
C CYS A 191 20.63 -16.59 29.74
N ILE A 192 20.12 -15.60 29.01
CA ILE A 192 20.81 -14.36 28.69
C ILE A 192 20.75 -13.51 29.97
N PHE A 193 19.61 -13.51 30.64
CA PHE A 193 19.42 -12.94 31.97
C PHE A 193 20.44 -13.46 32.97
N ALA A 194 20.58 -14.77 33.07
CA ALA A 194 21.56 -15.39 33.97
C ALA A 194 22.94 -14.93 33.48
N GLU A 195 23.11 -14.70 32.18
CA GLU A 195 24.44 -14.50 31.64
C GLU A 195 24.80 -13.04 31.93
N MET A 196 23.78 -12.19 31.93
CA MET A 196 24.02 -10.77 32.05
C MET A 196 24.43 -10.62 33.50
N VAL A 197 23.81 -11.39 34.39
CA VAL A 197 23.99 -11.17 35.83
C VAL A 197 25.27 -11.80 36.37
N THR A 198 25.73 -12.90 35.78
CA THR A 198 26.86 -13.63 36.35
C THR A 198 28.10 -13.58 35.45
N ARG A 199 28.05 -12.77 34.39
CA ARG A 199 29.17 -12.56 33.47
C ARG A 199 29.69 -13.79 32.73
N ARG A 200 28.97 -14.91 32.77
CA ARG A 200 29.35 -16.08 31.96
C ARG A 200 28.16 -16.94 31.60
N ALA A 201 28.40 -17.76 30.58
CA ALA A 201 27.31 -18.55 30.03
C ALA A 201 26.79 -19.58 31.07
N LEU A 202 25.47 -19.56 31.25
CA LEU A 202 24.79 -20.43 32.21
C LEU A 202 25.09 -21.87 31.78
N PHE A 203 24.90 -22.24 30.52
CA PHE A 203 25.07 -23.63 30.14
C PHE A 203 25.96 -23.77 28.90
N PRO A 204 27.28 -23.53 29.06
CA PRO A 204 28.21 -23.52 27.93
C PRO A 204 28.76 -24.88 27.57
N GLY A 205 27.94 -25.72 26.96
CA GLY A 205 28.36 -27.08 26.56
C GLY A 205 28.99 -27.33 25.19
N ASP A 206 29.59 -28.52 25.03
CA ASP A 206 30.39 -28.81 23.85
C ASP A 206 29.71 -29.74 22.87
N SER A 207 28.75 -30.54 23.31
CA SER A 207 27.98 -31.28 22.33
C SER A 207 26.55 -31.35 22.82
N GLU A 208 25.61 -31.72 21.97
CA GLU A 208 24.23 -31.93 22.35
C GLU A 208 24.06 -32.66 23.68
N ILE A 209 24.81 -33.72 23.90
CA ILE A 209 24.67 -34.48 25.14
C ILE A 209 25.40 -33.73 26.27
N ASP A 210 26.56 -33.15 26.01
CA ASP A 210 27.17 -32.37 27.09
C ASP A 210 26.19 -31.33 27.64
N GLN A 211 25.46 -30.70 26.73
CA GLN A 211 24.52 -29.57 26.96
C GLN A 211 23.41 -30.04 27.89
N LEU A 212 22.74 -31.14 27.51
CA LEU A 212 21.70 -31.78 28.29
C LEU A 212 22.19 -31.92 29.73
N PHE A 213 23.45 -32.31 29.92
CA PHE A 213 24.00 -32.66 31.23
C PHE A 213 24.45 -31.41 31.99
N ARG A 214 24.66 -30.35 31.25
CA ARG A 214 25.00 -29.10 31.94
C ARG A 214 23.72 -28.48 32.51
N ILE A 215 22.62 -28.70 31.79
CA ILE A 215 21.30 -28.26 32.26
C ILE A 215 20.91 -29.07 33.49
N PHE A 216 20.87 -30.40 33.35
CA PHE A 216 20.70 -31.36 34.44
C PHE A 216 21.53 -31.13 35.72
N ARG A 217 22.83 -30.90 35.57
CA ARG A 217 23.70 -30.67 36.72
C ARG A 217 23.43 -29.32 37.42
N THR A 218 22.82 -28.32 36.79
CA THR A 218 22.49 -27.10 37.54
C THR A 218 21.06 -27.12 38.02
N LEU A 219 20.12 -27.61 37.22
CA LEU A 219 18.69 -27.54 37.51
C LEU A 219 18.06 -28.83 38.05
N GLY A 220 18.87 -29.88 38.05
CA GLY A 220 18.43 -31.25 38.32
C GLY A 220 18.01 -32.09 37.12
N THR A 221 18.24 -33.40 37.14
CA THR A 221 17.63 -34.30 36.17
C THR A 221 16.11 -34.26 36.17
N PRO A 222 15.49 -34.02 35.01
CA PRO A 222 14.03 -34.03 34.98
C PRO A 222 13.41 -35.40 35.27
N ASP A 223 12.24 -35.43 35.87
CA ASP A 223 11.60 -36.72 36.06
C ASP A 223 10.12 -36.43 35.81
N GLU A 224 9.32 -37.48 35.66
CA GLU A 224 7.90 -37.28 35.38
C GLU A 224 7.10 -36.40 36.36
N VAL A 225 7.48 -36.41 37.63
CA VAL A 225 6.94 -35.51 38.64
C VAL A 225 7.12 -34.13 38.00
N VAL A 226 8.36 -33.68 37.79
CA VAL A 226 8.69 -32.31 37.35
C VAL A 226 8.26 -31.97 35.89
N TRP A 227 8.30 -32.95 34.99
CA TRP A 227 8.12 -32.75 33.55
C TRP A 227 7.46 -34.03 33.06
N PRO A 228 6.12 -34.06 33.15
CA PRO A 228 5.37 -35.20 32.63
C PRO A 228 5.50 -35.39 31.11
N GLY A 229 6.14 -36.47 30.66
CA GLY A 229 6.35 -36.69 29.22
C GLY A 229 7.81 -37.06 28.96
N VAL A 230 8.73 -36.59 29.81
CA VAL A 230 10.16 -36.68 29.54
C VAL A 230 10.67 -38.09 29.27
N THR A 231 10.18 -39.05 30.06
CA THR A 231 10.72 -40.39 29.98
C THR A 231 10.44 -41.04 28.61
N SER A 232 9.41 -40.59 27.90
CA SER A 232 8.97 -41.24 26.66
C SER A 232 9.41 -40.44 25.43
N MET A 233 10.26 -39.46 25.70
CA MET A 233 10.72 -38.55 24.64
C MET A 233 11.88 -39.12 23.83
N PRO A 234 11.83 -38.94 22.50
CA PRO A 234 12.60 -39.72 21.53
C PRO A 234 14.10 -39.89 21.81
N ASP A 235 14.71 -38.94 22.53
CA ASP A 235 16.14 -39.04 22.79
C ASP A 235 16.46 -39.22 24.27
N TYR A 236 15.43 -39.26 25.13
CA TYR A 236 15.54 -39.55 26.56
C TYR A 236 16.00 -40.99 26.83
N LYS A 237 16.63 -41.24 27.98
CA LYS A 237 17.39 -42.46 28.27
C LYS A 237 17.33 -42.80 29.80
N PRO A 238 16.92 -44.05 30.12
CA PRO A 238 16.96 -44.42 31.53
C PRO A 238 18.40 -44.35 32.05
N SER A 239 19.40 -44.44 31.19
CA SER A 239 20.79 -44.38 31.66
C SER A 239 21.39 -43.01 32.09
N PHE A 240 20.53 -42.01 32.06
CA PHE A 240 20.91 -40.62 32.37
C PHE A 240 21.33 -40.54 33.83
N PRO A 241 22.59 -40.15 34.05
CA PRO A 241 23.02 -39.81 35.41
C PRO A 241 21.97 -38.94 36.10
N LYS A 242 21.86 -39.09 37.43
CA LYS A 242 20.68 -38.61 38.13
C LYS A 242 21.11 -37.61 39.22
N TRP A 243 21.31 -36.36 38.80
CA TRP A 243 21.61 -35.26 39.73
C TRP A 243 20.40 -34.56 40.39
N ALA A 244 20.71 -33.69 41.34
CA ALA A 244 19.74 -32.96 42.16
C ALA A 244 19.86 -31.43 41.98
N ARG A 245 18.72 -30.75 42.11
CA ARG A 245 18.66 -29.29 41.99
C ARG A 245 19.65 -28.54 42.85
N GLN A 246 20.46 -27.71 42.22
CA GLN A 246 21.32 -26.77 42.95
C GLN A 246 20.58 -25.52 43.42
N ASP A 247 21.28 -24.70 44.19
CA ASP A 247 20.68 -23.54 44.87
C ASP A 247 20.78 -22.36 43.92
N PHE A 248 19.62 -21.90 43.44
CA PHE A 248 19.61 -20.72 42.59
C PHE A 248 20.36 -19.54 43.18
N SER A 249 20.46 -19.50 44.51
CA SER A 249 21.30 -18.53 45.22
C SER A 249 22.77 -18.69 44.85
N LYS A 250 23.14 -19.93 44.51
CA LYS A 250 24.51 -20.32 44.23
C LYS A 250 24.78 -20.41 42.73
N VAL A 251 23.73 -20.44 41.89
CA VAL A 251 23.73 -20.13 40.44
C VAL A 251 23.73 -18.62 40.14
N VAL A 252 22.84 -17.84 40.77
CA VAL A 252 22.82 -16.39 40.53
C VAL A 252 22.99 -15.60 41.85
N PRO A 253 24.23 -15.56 42.38
CA PRO A 253 24.59 -14.78 43.57
C PRO A 253 23.94 -13.42 43.61
N PRO A 254 24.20 -12.51 42.67
CA PRO A 254 23.95 -11.10 43.00
C PRO A 254 22.48 -10.69 42.85
N LEU A 255 21.60 -11.69 42.78
CA LEU A 255 20.22 -11.49 42.34
C LEU A 255 19.36 -11.45 43.59
N ASP A 256 18.49 -10.47 43.70
CA ASP A 256 17.52 -10.57 44.76
C ASP A 256 16.45 -11.68 44.64
N GLU A 257 15.71 -11.89 45.71
CA GLU A 257 14.68 -12.93 45.78
C GLU A 257 13.73 -12.86 44.59
N ASP A 258 13.28 -11.64 44.33
CA ASP A 258 12.34 -11.38 43.24
C ASP A 258 12.90 -11.80 41.89
N GLY A 259 14.18 -11.55 41.69
CA GLY A 259 14.89 -12.00 40.49
C GLY A 259 15.05 -13.51 40.38
N ARG A 260 15.36 -14.19 41.48
CA ARG A 260 15.60 -15.62 41.33
C ARG A 260 14.31 -16.34 40.98
N SER A 261 13.26 -15.65 41.41
CA SER A 261 11.93 -16.23 41.25
C SER A 261 11.61 -16.21 39.76
N LEU A 262 11.83 -15.08 39.10
CA LEU A 262 11.48 -14.92 37.68
C LEU A 262 12.41 -15.84 36.89
N LEU A 263 13.72 -15.69 37.12
CA LEU A 263 14.68 -16.56 36.46
C LEU A 263 14.18 -18.01 36.50
N SER A 264 13.72 -18.47 37.66
CA SER A 264 13.39 -19.89 37.77
C SER A 264 12.11 -20.27 37.05
N GLN A 265 11.30 -19.29 36.70
CA GLN A 265 10.09 -19.62 35.96
C GLN A 265 10.30 -19.56 34.44
N MET A 266 11.23 -18.69 34.01
CA MET A 266 11.76 -18.72 32.65
C MET A 266 12.55 -20.02 32.37
N LEU A 267 13.03 -20.79 33.36
CA LEU A 267 13.88 -21.98 33.18
C LEU A 267 13.25 -23.33 33.56
N HIS A 268 11.94 -23.38 33.69
CA HIS A 268 11.22 -24.64 33.83
C HIS A 268 11.50 -25.65 32.72
N TYR A 269 11.64 -26.92 33.10
CA TYR A 269 11.80 -27.98 32.13
C TYR A 269 10.55 -28.13 31.27
N ASP A 270 9.35 -27.94 31.79
CA ASP A 270 8.15 -28.21 31.00
C ASP A 270 7.70 -27.01 30.16
N PRO A 271 7.70 -27.15 28.85
CA PRO A 271 7.17 -26.11 27.97
C PRO A 271 5.80 -25.56 28.30
N ASN A 272 4.93 -26.43 28.81
CA ASN A 272 3.62 -25.96 29.22
C ASN A 272 3.57 -25.23 30.54
N LYS A 273 4.55 -25.38 31.42
CA LYS A 273 4.49 -24.63 32.66
C LYS A 273 5.41 -23.45 32.64
N ARG A 274 6.06 -23.19 31.50
CA ARG A 274 7.15 -22.23 31.58
C ARG A 274 6.58 -20.82 31.38
N ILE A 275 7.11 -19.76 31.96
CA ILE A 275 6.39 -18.52 31.99
C ILE A 275 6.31 -17.95 30.58
N SER A 276 5.21 -17.26 30.30
CA SER A 276 5.05 -16.55 29.04
C SER A 276 5.70 -15.16 28.97
N ALA A 277 6.02 -14.60 27.80
CA ALA A 277 6.57 -13.24 27.86
C ALA A 277 5.55 -12.27 28.46
N LYS A 278 4.28 -12.55 28.19
CA LYS A 278 3.22 -11.73 28.76
C LYS A 278 3.25 -11.76 30.29
N ALA A 279 3.09 -12.93 30.92
CA ALA A 279 3.19 -13.08 32.37
C ALA A 279 4.44 -12.45 32.97
N ALA A 280 5.62 -12.80 32.45
CA ALA A 280 6.88 -12.33 33.02
C ALA A 280 6.85 -10.81 33.25
N LEU A 281 6.16 -10.07 32.39
CA LEU A 281 6.19 -8.60 32.51
C LEU A 281 5.44 -8.14 33.74
N ALA A 282 4.37 -8.87 34.06
CA ALA A 282 3.69 -8.72 35.37
C ALA A 282 4.52 -9.09 36.60
N HIS A 283 5.52 -9.94 36.48
CA HIS A 283 6.31 -10.18 37.66
C HIS A 283 6.86 -8.97 38.42
N PRO A 284 6.66 -9.03 39.74
CA PRO A 284 7.13 -8.05 40.71
C PRO A 284 8.56 -7.61 40.45
N PHE A 285 9.43 -8.51 39.98
CA PHE A 285 10.78 -8.07 39.66
C PHE A 285 10.78 -6.72 38.96
N PHE A 286 9.69 -6.32 38.29
CA PHE A 286 9.76 -5.20 37.31
C PHE A 286 9.18 -3.86 37.79
N GLN A 287 9.04 -3.70 39.11
CA GLN A 287 8.37 -2.53 39.67
C GLN A 287 9.28 -1.32 39.59
N ASP A 288 10.40 -1.45 40.26
CA ASP A 288 11.37 -0.35 40.29
C ASP A 288 12.13 -0.12 38.97
N VAL A 289 11.54 -0.57 37.86
CA VAL A 289 12.17 -0.43 36.53
C VAL A 289 12.35 1.01 36.04
N THR A 290 13.58 1.30 35.64
CA THR A 290 13.88 2.55 34.95
C THR A 290 14.56 2.33 33.59
N LYS A 291 15.37 3.29 33.16
CA LYS A 291 15.89 3.34 31.80
C LYS A 291 17.20 4.10 31.88
N PRO A 292 18.14 3.48 32.59
CA PRO A 292 19.54 3.86 32.51
C PRO A 292 20.12 3.79 31.10
N VAL A 293 21.09 4.63 30.78
CA VAL A 293 21.87 4.39 29.58
C VAL A 293 23.13 3.62 30.02
N PRO A 294 23.68 2.82 29.10
CA PRO A 294 24.88 2.09 29.42
C PRO A 294 26.10 3.00 29.37
N HIS A 295 27.24 2.52 29.85
CA HIS A 295 28.45 3.21 29.47
C HIS A 295 29.07 2.46 28.30
N LEU A 296 28.90 2.99 27.08
CA LEU A 296 29.35 2.28 25.89
C LEU A 296 30.86 2.26 25.64
N VAL B 3 -3.20 -23.89 26.26
CA VAL B 3 -3.98 -22.64 26.55
C VAL B 3 -2.96 -21.45 26.57
N PRO B 4 -2.36 -21.06 25.41
CA PRO B 4 -1.37 -19.95 25.44
C PRO B 4 -2.01 -18.60 25.85
N ASP B 5 -1.16 -17.64 26.28
CA ASP B 5 -1.57 -16.24 26.47
C ASP B 5 -1.92 -15.49 25.17
N TYR B 6 -1.73 -16.17 24.03
CA TYR B 6 -1.65 -15.59 22.69
C TYR B 6 -2.76 -16.11 21.77
N HIS B 7 -3.15 -17.36 21.99
CA HIS B 7 -4.11 -17.97 21.09
C HIS B 7 -5.16 -16.97 20.59
N GLU B 8 -5.56 -16.08 21.47
CA GLU B 8 -6.64 -15.16 21.17
C GLU B 8 -6.18 -13.96 20.38
N ASP B 9 -5.14 -13.27 20.83
CA ASP B 9 -4.52 -12.20 20.04
C ASP B 9 -4.10 -12.67 18.64
N ILE B 10 -3.40 -13.81 18.55
CA ILE B 10 -3.04 -14.50 17.31
C ILE B 10 -4.27 -14.73 16.43
N HIS B 11 -5.24 -15.47 16.94
CA HIS B 11 -6.49 -15.61 16.21
C HIS B 11 -7.11 -14.30 15.77
N THR B 12 -7.10 -13.31 16.66
CA THR B 12 -7.62 -12.02 16.21
C THR B 12 -6.79 -11.42 15.10
N TYR B 13 -5.48 -11.52 15.29
CA TYR B 13 -4.49 -10.93 14.40
C TYR B 13 -4.63 -11.60 13.03
N LEU B 14 -4.64 -12.92 13.08
CA LEU B 14 -4.78 -13.69 11.85
C LEU B 14 -6.06 -13.22 11.20
N ARG B 15 -7.10 -12.95 11.99
CA ARG B 15 -8.39 -12.52 11.44
C ARG B 15 -8.24 -11.18 10.77
N GLU B 16 -7.44 -10.31 11.36
CA GLU B 16 -7.19 -9.00 10.77
C GLU B 16 -6.35 -9.09 9.49
N MET B 17 -5.42 -10.04 9.61
CA MET B 17 -4.40 -10.14 8.59
C MET B 17 -5.03 -10.58 7.27
N GLU B 18 -6.12 -11.34 7.37
CA GLU B 18 -6.60 -12.08 6.22
C GLU B 18 -7.36 -11.15 5.29
N VAL B 19 -7.88 -10.06 5.82
CA VAL B 19 -8.58 -9.06 5.02
C VAL B 19 -7.55 -8.33 4.16
N LYS B 20 -6.41 -8.01 4.79
CA LYS B 20 -5.28 -7.42 4.06
C LYS B 20 -4.87 -8.30 2.88
N CYS B 21 -4.69 -9.57 3.12
CA CYS B 21 -4.10 -10.48 2.15
C CYS B 21 -5.08 -11.03 1.11
N LYS B 22 -6.28 -10.48 1.00
CA LYS B 22 -7.38 -11.06 0.20
C LYS B 22 -7.14 -10.79 -1.29
N PRO B 23 -7.09 -11.81 -2.14
CA PRO B 23 -7.07 -11.59 -3.57
C PRO B 23 -8.33 -10.97 -4.15
N LYS B 24 -8.25 -10.29 -5.29
CA LYS B 24 -9.44 -9.70 -5.93
C LYS B 24 -10.40 -10.77 -6.42
N VAL B 25 -11.68 -10.54 -6.12
CA VAL B 25 -12.67 -11.60 -6.20
C VAL B 25 -12.94 -11.96 -7.67
N GLY B 26 -12.92 -10.94 -8.52
CA GLY B 26 -13.23 -11.11 -9.94
C GLY B 26 -12.10 -11.01 -10.95
N TYR B 27 -10.95 -11.56 -10.59
CA TYR B 27 -9.69 -11.28 -11.28
C TYR B 27 -9.54 -12.21 -12.44
N MET B 28 -10.12 -13.41 -12.38
CA MET B 28 -10.02 -14.32 -13.51
C MET B 28 -10.81 -13.83 -14.72
N LYS B 29 -11.82 -13.00 -14.50
CA LYS B 29 -12.67 -12.43 -15.56
C LYS B 29 -12.02 -11.26 -16.25
N LYS B 30 -10.84 -10.86 -15.78
CA LYS B 30 -10.05 -9.86 -16.50
C LYS B 30 -8.70 -10.41 -16.99
N GLN B 31 -8.35 -11.63 -16.61
CA GLN B 31 -7.24 -12.31 -17.29
C GLN B 31 -7.65 -12.67 -18.74
N PRO B 32 -7.08 -12.01 -19.76
CA PRO B 32 -7.58 -12.25 -21.10
C PRO B 32 -7.15 -13.60 -21.67
N ASP B 33 -6.19 -14.27 -21.06
CA ASP B 33 -5.74 -15.51 -21.68
C ASP B 33 -5.82 -16.75 -20.82
N ILE B 34 -6.23 -16.63 -19.56
CA ILE B 34 -6.36 -17.79 -18.69
C ILE B 34 -7.73 -17.77 -17.99
N THR B 35 -8.08 -18.92 -17.43
CA THR B 35 -9.43 -19.23 -16.99
C THR B 35 -9.32 -20.16 -15.77
N ASN B 36 -10.46 -20.31 -15.07
CA ASN B 36 -10.50 -20.87 -13.71
C ASN B 36 -10.11 -22.33 -13.83
N SER B 37 -10.39 -22.81 -15.04
CA SER B 37 -10.15 -24.22 -15.31
C SER B 37 -8.67 -24.51 -15.53
N MET B 38 -7.96 -23.58 -16.19
CA MET B 38 -6.52 -23.63 -16.32
C MET B 38 -5.97 -23.56 -14.90
N ARG B 39 -6.58 -22.71 -14.09
CA ARG B 39 -6.17 -22.60 -12.69
C ARG B 39 -6.28 -23.90 -11.90
N ALA B 40 -7.38 -24.58 -12.21
CA ALA B 40 -7.73 -25.82 -11.56
C ALA B 40 -6.67 -26.83 -11.98
N ILE B 41 -6.30 -26.83 -13.26
CA ILE B 41 -5.25 -27.72 -13.72
C ILE B 41 -3.96 -27.43 -12.95
N LEU B 42 -3.65 -26.15 -12.78
CA LEU B 42 -2.37 -25.70 -12.23
C LEU B 42 -2.32 -26.23 -10.81
N VAL B 43 -3.41 -26.02 -10.07
CA VAL B 43 -3.38 -26.35 -8.64
C VAL B 43 -3.29 -27.84 -8.33
N ASP B 44 -4.01 -28.62 -9.14
CA ASP B 44 -4.03 -30.06 -9.03
C ASP B 44 -2.63 -30.59 -9.25
N TRP B 45 -1.87 -29.94 -10.12
CA TRP B 45 -0.47 -30.27 -10.37
C TRP B 45 0.33 -29.99 -9.10
N LEU B 46 0.03 -28.88 -8.44
CA LEU B 46 0.87 -28.56 -7.32
C LEU B 46 0.63 -29.53 -6.18
N VAL B 47 -0.59 -30.02 -6.11
CA VAL B 47 -0.97 -31.05 -5.13
C VAL B 47 0.00 -32.22 -5.29
N GLU B 48 0.13 -32.68 -6.52
CA GLU B 48 1.01 -33.80 -6.79
C GLU B 48 2.44 -33.41 -6.53
N VAL B 49 2.88 -32.25 -7.04
CA VAL B 49 4.27 -31.90 -6.90
C VAL B 49 4.61 -31.92 -5.41
N GLY B 50 3.59 -31.57 -4.63
CA GLY B 50 3.72 -31.66 -3.19
C GLY B 50 3.81 -33.06 -2.62
N GLU B 51 3.01 -33.92 -3.22
CA GLU B 51 3.13 -35.32 -2.81
C GLU B 51 4.47 -35.93 -3.17
N GLU B 52 4.89 -35.72 -4.41
CA GLU B 52 6.16 -36.27 -4.82
C GLU B 52 7.34 -35.82 -3.95
N TYR B 53 7.54 -34.52 -3.74
CA TYR B 53 8.61 -34.09 -2.86
C TYR B 53 8.34 -34.08 -1.35
N LYS B 54 7.21 -34.69 -0.99
CA LYS B 54 6.73 -34.72 0.37
C LYS B 54 6.80 -33.41 1.17
N LEU B 55 6.17 -32.37 0.60
CA LEU B 55 6.10 -31.06 1.22
C LEU B 55 4.92 -31.07 2.19
N GLN B 56 4.86 -30.10 3.10
CA GLN B 56 3.76 -29.95 4.00
C GLN B 56 2.54 -29.35 3.34
N ASN B 57 1.39 -29.44 4.00
CA ASN B 57 0.15 -29.08 3.33
C ASN B 57 0.04 -27.58 3.38
N GLU B 58 0.61 -26.97 4.42
CA GLU B 58 0.70 -25.48 4.48
C GLU B 58 1.40 -24.89 3.27
N THR B 59 2.54 -25.46 2.90
CA THR B 59 3.25 -25.06 1.69
C THR B 59 2.36 -24.88 0.46
N LEU B 60 1.38 -25.76 0.33
CA LEU B 60 0.44 -25.74 -0.80
C LEU B 60 -0.58 -24.63 -0.68
N HIS B 61 -1.05 -24.41 0.54
CA HIS B 61 -1.91 -23.26 0.76
C HIS B 61 -1.19 -21.93 0.51
N LEU B 62 0.08 -21.85 0.91
CA LEU B 62 0.86 -20.63 0.68
C LEU B 62 1.01 -20.40 -0.81
N ALA B 63 1.33 -21.48 -1.54
CA ALA B 63 1.58 -21.43 -2.97
C ALA B 63 0.32 -20.93 -3.68
N VAL B 64 -0.87 -21.41 -3.29
CA VAL B 64 -2.06 -20.98 -4.07
C VAL B 64 -2.42 -19.52 -3.76
N ASN B 65 -2.22 -19.12 -2.52
CA ASN B 65 -2.47 -17.72 -2.14
C ASN B 65 -1.59 -16.77 -2.95
N TYR B 66 -0.30 -17.12 -3.09
CA TYR B 66 0.57 -16.28 -3.89
C TYR B 66 0.15 -16.18 -5.35
N ILE B 67 -0.23 -17.32 -5.94
CA ILE B 67 -0.66 -17.34 -7.33
C ILE B 67 -1.86 -16.44 -7.52
N ASP B 68 -2.73 -16.45 -6.52
CA ASP B 68 -3.98 -15.71 -6.63
C ASP B 68 -3.74 -14.24 -6.46
N ARG B 69 -2.88 -13.87 -5.54
CA ARG B 69 -2.53 -12.44 -5.42
C ARG B 69 -1.76 -11.96 -6.63
N PHE B 70 -0.95 -12.81 -7.25
CA PHE B 70 -0.09 -12.36 -8.33
C PHE B 70 -0.97 -12.24 -9.54
N LEU B 71 -1.86 -13.21 -9.77
CA LEU B 71 -2.69 -13.15 -10.98
C LEU B 71 -3.76 -12.08 -10.82
N SER B 72 -3.88 -11.69 -9.57
CA SER B 72 -4.81 -10.63 -9.18
C SER B 72 -4.40 -9.24 -9.61
N SER B 73 -3.13 -9.06 -9.99
CA SER B 73 -2.72 -7.76 -10.51
C SER B 73 -1.79 -7.80 -11.71
N MET B 74 -1.25 -8.95 -12.10
CA MET B 74 -0.53 -9.21 -13.33
C MET B 74 -1.32 -10.09 -14.29
N SER B 75 -1.38 -9.70 -15.58
CA SER B 75 -1.86 -10.53 -16.67
C SER B 75 -0.79 -11.51 -17.10
N VAL B 76 -1.18 -12.79 -17.24
CA VAL B 76 -0.25 -13.89 -17.51
C VAL B 76 -0.83 -14.74 -18.63
N LEU B 77 0.01 -15.03 -19.62
CA LEU B 77 -0.32 -15.89 -20.75
C LEU B 77 -0.31 -17.38 -20.36
N ARG B 78 -1.10 -18.21 -21.04
CA ARG B 78 -1.23 -19.58 -20.58
C ARG B 78 0.06 -20.38 -20.70
N GLY B 79 0.91 -19.85 -21.55
CA GLY B 79 2.27 -20.36 -21.55
C GLY B 79 3.12 -20.06 -20.32
N LYS B 80 2.93 -18.89 -19.76
CA LYS B 80 3.78 -18.60 -18.61
C LYS B 80 3.20 -18.92 -17.22
N LEU B 81 1.99 -19.48 -17.15
CA LEU B 81 1.26 -19.70 -15.90
C LEU B 81 1.92 -20.80 -15.05
N GLN B 82 2.37 -21.84 -15.73
CA GLN B 82 3.00 -22.91 -15.01
C GLN B 82 4.24 -22.38 -14.30
N LEU B 83 4.91 -21.45 -14.97
CA LEU B 83 6.19 -20.93 -14.46
C LEU B 83 5.89 -20.16 -13.19
N VAL B 84 4.75 -19.44 -13.26
CA VAL B 84 4.28 -18.68 -12.11
C VAL B 84 3.94 -19.68 -11.00
N GLY B 85 3.40 -20.84 -11.35
CA GLY B 85 3.06 -21.77 -10.28
C GLY B 85 4.32 -22.35 -9.68
N THR B 86 5.31 -22.61 -10.51
CA THR B 86 6.54 -23.21 -10.03
C THR B 86 7.26 -22.25 -9.08
N ALA B 87 7.29 -20.97 -9.46
CA ALA B 87 7.91 -19.88 -8.69
C ALA B 87 7.25 -19.83 -7.31
N ALA B 88 5.92 -19.94 -7.34
CA ALA B 88 5.18 -19.81 -6.11
C ALA B 88 5.35 -21.01 -5.20
N MET B 89 5.38 -22.19 -5.79
CA MET B 89 5.71 -23.36 -4.99
C MET B 89 7.13 -23.24 -4.44
N LEU B 90 8.02 -22.57 -5.19
CA LEU B 90 9.38 -22.37 -4.70
C LEU B 90 9.51 -21.42 -3.51
N LEU B 91 8.80 -20.31 -3.67
CA LEU B 91 8.74 -19.37 -2.58
C LEU B 91 8.13 -19.98 -1.35
N ALA B 92 6.93 -20.56 -1.49
CA ALA B 92 6.25 -21.14 -0.34
C ALA B 92 7.14 -22.23 0.30
N SER B 93 7.79 -22.97 -0.60
CA SER B 93 8.77 -23.92 -0.06
C SER B 93 9.75 -23.28 0.92
N LYS B 94 10.42 -22.22 0.48
CA LYS B 94 11.54 -21.59 1.17
C LYS B 94 11.09 -21.03 2.52
N PHE B 95 9.88 -20.48 2.47
CA PHE B 95 9.23 -19.91 3.64
C PHE B 95 8.69 -20.92 4.65
N GLU B 96 8.05 -21.98 4.18
CA GLU B 96 7.51 -22.93 5.17
C GLU B 96 8.29 -24.21 5.42
N GLU B 97 9.15 -24.66 4.51
CA GLU B 97 9.83 -25.95 4.64
C GLU B 97 11.18 -25.88 5.34
N ILE B 98 11.60 -26.93 6.02
CA ILE B 98 12.86 -26.91 6.73
C ILE B 98 13.96 -27.06 5.71
N TYR B 99 13.87 -27.98 4.75
CA TYR B 99 14.67 -27.97 3.52
C TYR B 99 13.82 -28.05 2.28
N PRO B 100 13.85 -27.02 1.45
CA PRO B 100 13.17 -27.07 0.17
C PRO B 100 13.90 -27.92 -0.85
N PRO B 101 13.16 -28.36 -1.87
CA PRO B 101 13.89 -28.97 -2.96
C PRO B 101 14.68 -27.91 -3.70
N GLU B 102 15.71 -28.23 -4.47
CA GLU B 102 16.56 -27.22 -5.08
C GLU B 102 15.91 -26.74 -6.35
N VAL B 103 16.31 -25.55 -6.77
CA VAL B 103 15.72 -25.07 -8.03
C VAL B 103 15.74 -26.11 -9.18
N ALA B 104 16.87 -26.79 -9.32
CA ALA B 104 16.97 -27.90 -10.24
C ALA B 104 15.72 -28.81 -10.22
N GLU B 105 15.30 -29.30 -9.05
CA GLU B 105 14.20 -30.24 -8.93
C GLU B 105 12.91 -29.57 -9.35
N PHE B 106 12.81 -28.27 -9.14
CA PHE B 106 11.60 -27.56 -9.50
C PHE B 106 11.56 -27.45 -11.00
N VAL B 107 12.71 -27.31 -11.67
CA VAL B 107 12.77 -27.28 -13.12
C VAL B 107 12.42 -28.66 -13.68
N TYR B 108 13.02 -29.69 -13.10
CA TYR B 108 12.76 -31.05 -13.55
C TYR B 108 11.29 -31.37 -13.63
N ILE B 109 10.50 -30.98 -12.65
CA ILE B 109 9.12 -31.40 -12.52
C ILE B 109 8.29 -30.63 -13.55
N THR B 110 8.90 -29.82 -14.40
CA THR B 110 8.12 -29.24 -15.47
C THR B 110 8.61 -29.84 -16.80
N ASP B 111 9.28 -30.98 -16.67
CA ASP B 111 9.83 -31.76 -17.79
C ASP B 111 10.78 -30.86 -18.57
N ASP B 112 11.72 -30.24 -17.86
CA ASP B 112 12.66 -29.25 -18.40
C ASP B 112 12.03 -28.23 -19.35
N THR B 113 10.86 -27.74 -18.99
CA THR B 113 10.10 -26.89 -19.89
C THR B 113 10.48 -25.42 -19.78
N TYR B 114 10.94 -24.98 -18.62
CA TYR B 114 11.60 -23.69 -18.48
C TYR B 114 13.02 -23.94 -17.97
N THR B 115 13.85 -22.94 -18.24
CA THR B 115 15.23 -22.92 -17.76
C THR B 115 15.22 -22.41 -16.33
N LYS B 116 16.19 -22.88 -15.56
CA LYS B 116 16.25 -22.60 -14.13
C LYS B 116 16.52 -21.11 -13.92
N LYS B 117 16.96 -20.44 -14.97
CA LYS B 117 17.09 -18.99 -14.87
C LYS B 117 15.72 -18.37 -14.99
N GLN B 118 14.94 -18.74 -15.99
CA GLN B 118 13.55 -18.31 -15.98
C GLN B 118 12.85 -18.51 -14.62
N VAL B 119 13.13 -19.65 -13.98
CA VAL B 119 12.43 -19.94 -12.74
C VAL B 119 12.87 -18.97 -11.65
N LEU B 120 14.18 -18.83 -11.51
CA LEU B 120 14.73 -17.86 -10.57
C LEU B 120 14.30 -16.42 -10.83
N ARG B 121 14.31 -15.98 -12.07
CA ARG B 121 13.80 -14.65 -12.37
C ARG B 121 12.31 -14.46 -12.14
N MET B 122 11.49 -15.49 -12.26
CA MET B 122 10.10 -15.34 -11.86
C MET B 122 9.93 -15.36 -10.34
N GLU B 123 10.78 -16.07 -9.59
CA GLU B 123 10.80 -15.90 -8.13
C GLU B 123 10.91 -14.42 -7.71
N HIS B 124 11.85 -13.76 -8.38
CA HIS B 124 12.09 -12.37 -8.12
C HIS B 124 10.87 -11.54 -8.51
N LEU B 125 10.22 -11.87 -9.62
CA LEU B 125 9.13 -10.99 -10.03
C LEU B 125 7.93 -11.13 -9.12
N VAL B 126 7.71 -12.36 -8.65
CA VAL B 126 6.67 -12.63 -7.64
C VAL B 126 7.00 -11.91 -6.34
N LEU B 127 8.21 -12.02 -5.81
CA LEU B 127 8.53 -11.27 -4.59
C LEU B 127 8.20 -9.79 -4.75
N LYS B 128 8.48 -9.20 -5.92
CA LYS B 128 8.16 -7.79 -6.09
C LYS B 128 6.66 -7.59 -6.01
N VAL B 129 5.90 -8.31 -6.85
CA VAL B 129 4.48 -8.00 -6.98
C VAL B 129 3.72 -8.12 -5.68
N LEU B 130 3.97 -9.18 -4.92
CA LEU B 130 3.55 -9.30 -3.54
C LEU B 130 4.26 -8.50 -2.42
N THR B 131 5.18 -7.61 -2.79
CA THR B 131 5.99 -6.86 -1.84
C THR B 131 6.46 -7.61 -0.59
N PHE B 132 7.15 -8.71 -0.84
CA PHE B 132 7.70 -9.59 0.17
C PHE B 132 6.67 -9.89 1.24
N ASP B 133 5.38 -9.88 0.95
CA ASP B 133 4.40 -10.27 1.95
C ASP B 133 3.93 -11.71 1.84
N LEU B 134 4.65 -12.61 2.50
CA LEU B 134 4.48 -14.01 2.27
C LEU B 134 3.78 -14.69 3.44
N ALA B 135 3.52 -14.00 4.56
CA ALA B 135 3.01 -14.63 5.81
C ALA B 135 1.50 -14.39 5.76
N ALA B 136 0.82 -15.05 4.84
CA ALA B 136 -0.62 -14.93 4.56
C ALA B 136 -1.24 -16.02 5.42
N PRO B 137 -2.39 -15.73 6.04
CA PRO B 137 -3.22 -16.78 6.62
C PRO B 137 -3.88 -17.62 5.54
N THR B 138 -4.18 -18.83 5.97
CA THR B 138 -4.73 -19.83 5.09
C THR B 138 -5.79 -20.67 5.81
N VAL B 139 -6.56 -21.45 5.01
CA VAL B 139 -7.64 -22.31 5.50
C VAL B 139 -7.00 -23.33 6.46
N ASN B 140 -5.85 -23.87 6.11
CA ASN B 140 -5.11 -24.83 6.93
C ASN B 140 -4.66 -24.24 8.28
N GLN B 141 -4.35 -22.94 8.23
CA GLN B 141 -3.91 -22.20 9.43
C GLN B 141 -5.09 -22.14 10.38
N PHE B 142 -6.24 -21.71 9.89
CA PHE B 142 -7.45 -21.58 10.68
C PHE B 142 -8.00 -22.91 11.12
N LEU B 143 -7.90 -23.96 10.31
CA LEU B 143 -8.35 -25.28 10.80
C LEU B 143 -7.54 -25.74 11.99
N THR B 144 -6.21 -25.67 11.90
CA THR B 144 -5.36 -25.96 13.05
C THR B 144 -5.75 -25.18 14.32
N GLN B 145 -6.08 -23.92 14.18
CA GLN B 145 -6.51 -23.18 15.35
C GLN B 145 -7.81 -23.82 15.81
N TYR B 146 -8.77 -23.99 14.92
CA TYR B 146 -10.12 -24.42 15.25
C TYR B 146 -9.94 -25.79 15.88
N PHE B 147 -9.05 -26.65 15.41
CA PHE B 147 -8.96 -28.00 15.94
C PHE B 147 -8.62 -27.99 17.41
N LEU B 148 -8.06 -26.96 18.02
CA LEU B 148 -7.81 -27.01 19.47
C LEU B 148 -9.06 -27.12 20.34
N HIS B 149 -10.23 -26.73 19.84
CA HIS B 149 -11.58 -26.68 20.44
C HIS B 149 -12.53 -27.84 20.04
N GLN B 150 -11.96 -29.03 19.87
CA GLN B 150 -12.76 -30.23 19.63
C GLN B 150 -12.71 -31.20 20.80
N GLN B 151 -13.76 -32.01 20.95
CA GLN B 151 -14.02 -32.88 22.12
C GLN B 151 -14.94 -34.05 21.75
N PRO B 152 -14.40 -35.27 21.79
CA PRO B 152 -12.98 -35.58 21.90
C PRO B 152 -12.33 -35.25 20.53
N ALA B 153 -11.04 -34.92 20.50
CA ALA B 153 -10.28 -34.88 19.25
C ALA B 153 -10.55 -36.12 18.39
N ASN B 154 -10.79 -35.96 17.09
CA ASN B 154 -10.96 -37.07 16.16
C ASN B 154 -9.92 -37.06 15.04
N CYS B 155 -9.05 -38.07 14.97
CA CYS B 155 -8.14 -38.09 13.82
C CYS B 155 -8.89 -38.03 12.50
N LYS B 156 -10.06 -38.67 12.45
CA LYS B 156 -10.81 -38.74 11.21
C LYS B 156 -11.52 -37.45 10.86
N VAL B 157 -12.07 -36.73 11.81
CA VAL B 157 -12.60 -35.43 11.42
C VAL B 157 -11.45 -34.58 10.89
N GLU B 158 -10.27 -34.63 11.50
CA GLU B 158 -9.18 -33.73 11.13
C GLU B 158 -8.81 -33.98 9.68
N SER B 159 -8.53 -35.24 9.39
CA SER B 159 -8.05 -35.62 8.07
C SER B 159 -9.05 -35.21 7.01
N LEU B 160 -10.34 -35.33 7.31
CA LEU B 160 -11.40 -35.04 6.36
C LEU B 160 -11.58 -33.53 6.20
N ALA B 161 -11.52 -32.81 7.31
CA ALA B 161 -11.59 -31.37 7.25
C ALA B 161 -10.50 -30.77 6.37
N MET B 162 -9.31 -31.36 6.43
CA MET B 162 -8.15 -30.88 5.68
C MET B 162 -8.42 -31.10 4.18
N PHE B 163 -8.98 -32.28 3.93
CA PHE B 163 -9.25 -32.69 2.56
C PHE B 163 -10.23 -31.71 1.92
N LEU B 164 -11.29 -31.41 2.67
CA LEU B 164 -12.31 -30.52 2.12
C LEU B 164 -11.74 -29.12 1.83
N GLY B 165 -10.86 -28.67 2.73
CA GLY B 165 -10.18 -27.39 2.61
C GLY B 165 -9.33 -27.45 1.37
N GLU B 166 -8.62 -28.56 1.16
CA GLU B 166 -7.86 -28.63 -0.09
C GLU B 166 -8.76 -28.66 -1.32
N LEU B 167 -9.97 -29.20 -1.26
CA LEU B 167 -10.86 -29.18 -2.42
C LEU B 167 -11.15 -27.77 -2.80
N SER B 168 -11.25 -26.87 -1.83
CA SER B 168 -11.65 -25.50 -2.15
C SER B 168 -10.59 -24.66 -2.85
N LEU B 169 -9.37 -25.19 -2.73
CA LEU B 169 -8.17 -24.62 -3.36
C LEU B 169 -8.30 -24.68 -4.87
N ILE B 170 -8.98 -25.73 -5.33
CA ILE B 170 -8.98 -25.99 -6.77
C ILE B 170 -9.90 -25.10 -7.63
N ASP B 171 -11.12 -24.85 -7.21
CA ASP B 171 -12.02 -24.02 -8.01
C ASP B 171 -12.08 -22.59 -7.47
N ALA B 172 -11.64 -21.61 -8.25
CA ALA B 172 -11.59 -20.23 -7.80
C ALA B 172 -12.97 -19.63 -7.63
N ASP B 173 -13.88 -20.03 -8.52
CA ASP B 173 -15.32 -19.89 -8.27
C ASP B 173 -15.98 -21.18 -7.76
N PRO B 174 -16.65 -21.09 -6.61
CA PRO B 174 -17.03 -19.92 -5.84
C PRO B 174 -16.07 -19.46 -4.76
N TYR B 175 -14.96 -20.18 -4.51
CA TYR B 175 -14.23 -19.98 -3.25
C TYR B 175 -13.49 -18.66 -2.96
N LEU B 176 -13.06 -17.97 -4.00
CA LEU B 176 -12.46 -16.65 -3.83
C LEU B 176 -13.40 -15.67 -3.16
N LYS B 177 -14.66 -16.05 -2.99
CA LYS B 177 -15.56 -15.10 -2.35
C LYS B 177 -15.44 -15.11 -0.84
N TYR B 178 -14.97 -16.24 -0.30
CA TYR B 178 -14.93 -16.42 1.16
C TYR B 178 -13.53 -16.33 1.72
N LEU B 179 -13.44 -15.75 2.92
CA LEU B 179 -12.21 -15.73 3.71
C LEU B 179 -11.83 -17.14 4.17
N PRO B 180 -10.54 -17.37 4.28
CA PRO B 180 -10.06 -18.65 4.79
C PRO B 180 -10.66 -19.02 6.14
N SER B 181 -10.80 -18.04 7.03
CA SER B 181 -11.45 -18.31 8.32
C SER B 181 -12.83 -18.93 8.16
N VAL B 182 -13.57 -18.46 7.18
CA VAL B 182 -14.93 -18.93 6.89
C VAL B 182 -14.89 -20.31 6.21
N ILE B 183 -14.10 -20.46 5.16
CA ILE B 183 -13.98 -21.79 4.60
C ILE B 183 -13.51 -22.84 5.63
N ALA B 184 -12.60 -22.50 6.55
CA ALA B 184 -12.18 -23.46 7.58
C ALA B 184 -13.37 -23.84 8.44
N GLY B 185 -14.14 -22.80 8.78
CA GLY B 185 -15.45 -22.97 9.41
C GLY B 185 -16.34 -24.05 8.80
N ALA B 186 -16.78 -23.78 7.57
CA ALA B 186 -17.49 -24.73 6.72
C ALA B 186 -16.82 -26.11 6.75
N ALA B 187 -15.54 -26.14 6.37
CA ALA B 187 -14.82 -27.42 6.29
C ALA B 187 -14.84 -28.18 7.62
N PHE B 188 -14.73 -27.44 8.73
CA PHE B 188 -14.63 -28.06 10.04
C PHE B 188 -15.97 -28.71 10.30
N HIS B 189 -17.04 -27.91 10.22
CA HIS B 189 -18.39 -28.44 10.37
C HIS B 189 -18.76 -29.54 9.39
N LEU B 190 -18.65 -29.32 8.09
CA LEU B 190 -18.90 -30.41 7.16
C LEU B 190 -18.23 -31.74 7.47
N ALA B 191 -17.00 -31.72 7.93
CA ALA B 191 -16.28 -32.96 8.17
C ALA B 191 -16.77 -33.62 9.47
N LEU B 192 -17.05 -32.71 10.41
CA LEU B 192 -17.44 -33.11 11.76
C LEU B 192 -18.82 -33.75 11.67
N TYR B 193 -19.79 -33.04 11.11
CA TYR B 193 -21.03 -33.63 10.61
C TYR B 193 -20.91 -34.97 9.88
N THR B 194 -20.01 -35.03 8.92
CA THR B 194 -19.84 -36.20 8.08
C THR B 194 -19.39 -37.38 8.91
N VAL B 195 -18.41 -37.19 9.79
CA VAL B 195 -17.86 -38.32 10.56
C VAL B 195 -18.73 -38.69 11.76
N THR B 196 -19.46 -37.74 12.33
CA THR B 196 -20.04 -37.93 13.64
C THR B 196 -21.48 -37.45 13.79
N GLY B 197 -22.07 -36.70 12.86
CA GLY B 197 -23.33 -35.98 13.05
C GLY B 197 -23.41 -34.77 13.98
N GLN B 198 -22.33 -34.53 14.71
CA GLN B 198 -22.15 -33.31 15.51
C GLN B 198 -22.13 -32.05 14.64
N SER B 199 -22.04 -30.87 15.25
CA SER B 199 -21.94 -29.64 14.48
C SER B 199 -21.04 -28.52 15.06
N TRP B 200 -21.00 -27.42 14.33
CA TRP B 200 -20.08 -26.34 14.62
C TRP B 200 -20.33 -25.99 16.07
N PRO B 201 -19.37 -26.22 16.96
CA PRO B 201 -19.48 -26.03 18.41
C PRO B 201 -19.73 -24.59 18.83
N GLU B 202 -19.98 -24.35 20.11
CA GLU B 202 -20.35 -23.00 20.55
C GLU B 202 -19.07 -22.22 20.93
N SER B 203 -18.09 -22.94 21.43
CA SER B 203 -16.80 -22.32 21.70
C SER B 203 -16.34 -21.59 20.44
N LEU B 204 -16.47 -22.29 19.32
CA LEU B 204 -16.06 -21.70 18.05
C LEU B 204 -16.98 -20.53 17.71
N ILE B 205 -18.27 -20.72 17.95
CA ILE B 205 -19.24 -19.66 17.64
C ILE B 205 -18.87 -18.42 18.45
N ARG B 206 -18.46 -18.58 19.70
CA ARG B 206 -18.13 -17.45 20.57
C ARG B 206 -16.71 -16.99 20.26
N LYS B 207 -15.77 -17.91 20.05
CA LYS B 207 -14.41 -17.51 19.64
C LYS B 207 -14.36 -16.73 18.32
N THR B 208 -15.09 -17.19 17.30
CA THR B 208 -15.02 -16.69 15.93
C THR B 208 -16.04 -15.59 15.67
N GLY B 209 -17.16 -15.68 16.37
CA GLY B 209 -18.29 -14.83 16.09
C GLY B 209 -19.02 -15.30 14.84
N TYR B 210 -18.75 -16.50 14.34
CA TYR B 210 -19.52 -17.02 13.23
C TYR B 210 -20.64 -17.90 13.74
N THR B 211 -21.89 -17.56 13.50
CA THR B 211 -22.92 -18.59 13.76
C THR B 211 -22.99 -19.64 12.66
N LEU B 212 -23.42 -20.86 12.96
CA LEU B 212 -23.72 -21.85 11.92
C LEU B 212 -24.50 -21.20 10.78
N GLU B 213 -25.30 -20.19 11.10
CA GLU B 213 -26.15 -19.53 10.12
C GLU B 213 -25.23 -18.90 9.10
N SER B 214 -24.39 -17.95 9.53
CA SER B 214 -23.45 -17.24 8.65
C SER B 214 -22.55 -18.21 7.89
N LEU B 215 -22.23 -19.37 8.48
CA LEU B 215 -21.47 -20.35 7.72
C LEU B 215 -22.22 -20.94 6.51
N LYS B 216 -23.53 -20.70 6.41
CA LYS B 216 -24.39 -21.49 5.52
C LYS B 216 -23.95 -21.40 4.07
N PRO B 217 -24.03 -20.20 3.46
CA PRO B 217 -23.78 -20.12 2.04
C PRO B 217 -22.55 -20.88 1.61
N CYS B 218 -21.53 -20.97 2.47
CA CYS B 218 -20.28 -21.65 2.12
C CYS B 218 -20.31 -23.18 2.32
N LEU B 219 -21.00 -23.62 3.37
CA LEU B 219 -21.44 -25.02 3.42
C LEU B 219 -22.21 -25.56 2.20
N MET B 220 -23.05 -24.72 1.60
CA MET B 220 -23.75 -25.10 0.39
C MET B 220 -22.73 -25.54 -0.66
N ASP B 221 -21.71 -24.71 -0.89
CA ASP B 221 -20.73 -24.91 -1.97
C ASP B 221 -19.78 -26.06 -1.66
N LEU B 222 -19.33 -26.12 -0.41
CA LEU B 222 -18.43 -27.18 0.01
C LEU B 222 -19.14 -28.54 0.02
N HIS B 223 -20.43 -28.56 0.36
CA HIS B 223 -21.19 -29.78 0.16
C HIS B 223 -21.36 -30.25 -1.28
N GLN B 224 -21.68 -29.31 -2.17
CA GLN B 224 -21.64 -29.55 -3.62
CA GLN B 224 -21.62 -29.52 -3.62
C GLN B 224 -20.31 -30.07 -4.18
N THR B 225 -19.18 -29.47 -3.83
CA THR B 225 -17.86 -29.99 -4.20
C THR B 225 -17.62 -31.41 -3.67
N TYR B 226 -17.88 -31.62 -2.39
CA TYR B 226 -17.70 -32.91 -1.73
C TYR B 226 -18.38 -34.04 -2.51
N LEU B 227 -19.56 -33.67 -3.01
CA LEU B 227 -20.45 -34.60 -3.67
C LEU B 227 -19.98 -34.90 -5.09
N LYS B 228 -19.83 -33.86 -5.90
CA LYS B 228 -19.22 -34.03 -7.21
C LYS B 228 -17.73 -34.43 -7.18
N ALA B 229 -17.19 -34.76 -6.02
CA ALA B 229 -15.76 -34.95 -5.79
C ALA B 229 -15.15 -36.00 -6.71
N PRO B 230 -15.76 -37.17 -6.83
CA PRO B 230 -15.17 -38.17 -7.71
C PRO B 230 -15.35 -37.85 -9.19
N GLN B 231 -16.40 -37.13 -9.57
CA GLN B 231 -16.59 -36.62 -10.93
CA GLN B 231 -16.60 -36.61 -10.93
C GLN B 231 -15.46 -35.71 -11.38
N HIS B 232 -14.94 -34.86 -10.52
CA HIS B 232 -14.14 -33.71 -10.91
C HIS B 232 -13.01 -33.96 -11.92
N ALA B 233 -12.81 -33.06 -12.88
CA ALA B 233 -11.83 -33.38 -13.91
C ALA B 233 -10.44 -33.68 -13.34
N GLN B 234 -10.21 -33.18 -12.12
CA GLN B 234 -8.93 -33.29 -11.41
C GLN B 234 -9.01 -34.20 -10.21
N GLN B 235 -7.99 -35.02 -9.97
CA GLN B 235 -8.21 -36.05 -8.96
C GLN B 235 -7.03 -36.33 -8.04
N SER B 236 -6.18 -35.32 -7.85
CA SER B 236 -4.93 -35.53 -7.11
C SER B 236 -5.19 -35.46 -5.63
N ILE B 237 -5.98 -34.47 -5.22
CA ILE B 237 -6.41 -34.40 -3.83
C ILE B 237 -7.16 -35.67 -3.40
N ARG B 238 -7.91 -36.37 -4.25
CA ARG B 238 -8.52 -37.64 -3.87
C ARG B 238 -7.47 -38.73 -3.81
N GLU B 239 -6.66 -38.88 -4.84
CA GLU B 239 -5.61 -39.89 -4.65
C GLU B 239 -4.66 -39.65 -3.48
N LYS B 240 -4.42 -38.38 -3.19
CA LYS B 240 -3.67 -37.96 -2.01
C LYS B 240 -4.33 -38.52 -0.75
N TYR B 241 -5.59 -38.19 -0.53
CA TYR B 241 -6.24 -38.53 0.73
C TYR B 241 -6.85 -39.94 0.77
N LYS B 242 -6.61 -40.77 -0.25
CA LYS B 242 -6.84 -42.23 -0.23
C LYS B 242 -5.78 -42.87 0.64
N ASN B 243 -4.51 -42.49 0.49
CA ASN B 243 -3.41 -42.95 1.34
C ASN B 243 -3.79 -42.90 2.82
N SER B 244 -3.24 -43.85 3.56
CA SER B 244 -3.84 -44.15 4.84
C SER B 244 -3.11 -43.37 5.93
N LYS B 245 -2.12 -42.61 5.51
CA LYS B 245 -1.57 -41.60 6.38
C LYS B 245 -2.76 -40.72 6.76
N TYR B 246 -3.86 -40.84 6.04
CA TYR B 246 -4.98 -39.92 6.20
C TYR B 246 -6.23 -40.71 6.60
N HIS B 247 -6.09 -42.01 6.85
CA HIS B 247 -7.23 -42.88 7.18
C HIS B 247 -8.18 -43.18 6.02
N GLY B 248 -7.82 -42.79 4.80
CA GLY B 248 -8.62 -43.01 3.58
C GLY B 248 -9.93 -42.25 3.50
N VAL B 249 -10.00 -41.17 4.28
CA VAL B 249 -11.19 -40.34 4.33
C VAL B 249 -11.86 -40.05 2.98
N SER B 250 -11.11 -39.90 1.90
CA SER B 250 -11.68 -39.56 0.60
C SER B 250 -12.67 -40.60 0.08
N LEU B 251 -12.56 -41.81 0.64
CA LEU B 251 -13.43 -42.97 0.44
C LEU B 251 -14.77 -42.90 1.19
N LEU B 252 -14.76 -42.50 2.45
CA LEU B 252 -16.00 -42.26 3.21
C LEU B 252 -17.08 -41.46 2.52
N ASN B 253 -18.30 -41.71 2.96
CA ASN B 253 -19.45 -41.27 2.19
C ASN B 253 -20.04 -39.91 2.52
N PRO B 254 -19.97 -38.99 1.55
CA PRO B 254 -20.58 -37.70 1.82
C PRO B 254 -22.02 -37.85 2.31
N PRO B 255 -22.44 -37.06 3.30
CA PRO B 255 -23.86 -37.06 3.56
C PRO B 255 -24.62 -36.43 2.40
N GLU B 256 -25.80 -36.94 2.09
CA GLU B 256 -26.61 -36.38 1.02
C GLU B 256 -27.29 -35.10 1.46
N THR B 257 -27.33 -34.79 2.74
CA THR B 257 -28.06 -33.62 3.21
C THR B 257 -27.44 -33.05 4.49
N LEU B 258 -27.42 -31.74 4.56
CA LEU B 258 -26.67 -31.05 5.59
C LEU B 258 -27.42 -31.02 6.92
N ASN B 259 -28.74 -30.92 6.83
CA ASN B 259 -29.55 -30.55 7.97
C ASN B 259 -29.47 -29.07 8.30
N LEU B 260 -29.11 -28.25 7.31
CA LEU B 260 -28.79 -26.82 7.43
C LEU B 260 -27.31 -26.46 7.63
N MET C 1 13.06 -3.52 -15.58
CA MET C 1 13.47 -3.08 -16.93
C MET C 1 14.05 -4.17 -17.85
N GLU C 2 14.82 -5.06 -17.25
CA GLU C 2 15.43 -6.16 -17.97
C GLU C 2 14.34 -7.15 -18.32
N ASN C 3 13.16 -7.02 -17.72
CA ASN C 3 12.12 -8.02 -17.93
C ASN C 3 11.43 -7.78 -19.25
N PHE C 4 11.53 -6.57 -19.75
CA PHE C 4 10.82 -6.22 -20.97
C PHE C 4 11.75 -6.23 -22.18
N GLN C 5 11.24 -6.67 -23.33
CA GLN C 5 11.90 -6.69 -24.64
C GLN C 5 11.21 -5.74 -25.62
N LYS C 6 11.96 -4.85 -26.27
CA LYS C 6 11.38 -3.82 -27.13
C LYS C 6 11.01 -4.45 -28.46
N VAL C 7 9.75 -4.44 -28.89
CA VAL C 7 9.39 -4.88 -30.25
C VAL C 7 9.53 -3.70 -31.23
N GLU C 8 8.80 -2.61 -31.03
CA GLU C 8 8.90 -1.55 -32.00
C GLU C 8 8.41 -0.22 -31.46
N LYS C 9 8.97 0.85 -31.99
CA LYS C 9 8.42 2.18 -31.79
C LYS C 9 6.93 2.26 -32.16
N ILE C 10 6.09 2.94 -31.38
CA ILE C 10 4.70 3.06 -31.78
C ILE C 10 4.17 4.48 -31.73
N GLY C 11 5.04 5.43 -31.39
CA GLY C 11 4.73 6.85 -31.50
C GLY C 11 5.33 7.80 -30.47
N GLU C 12 4.74 9.00 -30.39
CA GLU C 12 5.02 9.95 -29.30
C GLU C 12 3.74 10.38 -28.58
N GLY C 13 3.92 11.11 -27.47
CA GLY C 13 2.77 11.58 -26.70
C GLY C 13 2.67 13.11 -26.61
N THR C 14 2.61 13.60 -25.36
CA THR C 14 2.87 15.02 -25.07
C THR C 14 4.42 15.15 -25.02
N TYR C 15 5.06 14.10 -24.46
CA TYR C 15 6.54 13.96 -24.65
C TYR C 15 7.05 12.49 -24.60
N GLY C 16 8.38 12.32 -24.51
CA GLY C 16 8.95 10.97 -24.46
C GLY C 16 8.73 10.21 -25.76
N VAL C 17 9.29 9.00 -25.79
CA VAL C 17 9.09 8.05 -26.89
C VAL C 17 8.38 6.78 -26.40
N VAL C 18 7.53 6.23 -27.26
CA VAL C 18 6.65 5.14 -26.85
C VAL C 18 6.94 3.87 -27.64
N TYR C 19 7.24 2.77 -26.95
CA TYR C 19 7.52 1.47 -27.58
C TYR C 19 6.48 0.38 -27.30
N LYS C 20 6.23 -0.56 -28.20
CA LYS C 20 5.47 -1.76 -27.83
C LYS C 20 6.52 -2.76 -27.36
N ALA C 21 6.18 -3.61 -26.39
CA ALA C 21 7.17 -4.47 -25.73
C ALA C 21 6.46 -5.59 -25.02
N ARG C 22 7.27 -6.58 -24.61
CA ARG C 22 6.61 -7.61 -23.82
C ARG C 22 7.41 -8.04 -22.61
N ASN C 23 6.67 -8.57 -21.64
CA ASN C 23 7.27 -9.18 -20.48
C ASN C 23 7.77 -10.57 -20.89
N LYS C 24 9.09 -10.68 -20.81
CA LYS C 24 9.77 -11.95 -20.97
C LYS C 24 9.30 -13.00 -19.96
N LEU C 25 8.80 -12.57 -18.80
CA LEU C 25 8.39 -13.53 -17.77
C LEU C 25 6.93 -13.97 -17.86
N THR C 26 6.01 -13.03 -18.00
CA THR C 26 4.60 -13.37 -18.04
C THR C 26 4.11 -13.39 -19.48
N GLY C 27 4.77 -12.66 -20.37
CA GLY C 27 4.30 -12.64 -21.76
C GLY C 27 3.31 -11.54 -22.10
N GLU C 28 3.01 -10.77 -21.06
CA GLU C 28 2.18 -9.59 -21.22
C GLU C 28 2.87 -8.65 -22.19
N VAL C 29 2.10 -8.28 -23.22
CA VAL C 29 2.50 -7.20 -24.11
C VAL C 29 2.07 -5.88 -23.52
N VAL C 30 2.95 -4.89 -23.62
CA VAL C 30 2.69 -3.65 -22.90
C VAL C 30 3.12 -2.44 -23.70
N ALA C 31 2.68 -1.22 -23.37
CA ALA C 31 3.25 0.01 -23.91
C ALA C 31 4.21 0.65 -22.89
N LEU C 32 5.36 1.10 -23.38
CA LEU C 32 6.42 1.62 -22.54
C LEU C 32 6.75 3.07 -22.89
N LYS C 33 6.35 4.02 -22.06
CA LYS C 33 6.73 5.42 -22.28
C LYS C 33 8.07 5.64 -21.62
N LYS C 34 9.01 6.01 -22.47
CA LYS C 34 10.35 6.36 -22.04
C LYS C 34 10.50 7.87 -21.97
N ILE C 35 10.99 8.27 -20.79
CA ILE C 35 11.26 9.65 -20.45
C ILE C 35 12.74 9.79 -20.13
N ARG C 36 13.33 10.66 -20.96
CA ARG C 36 14.73 11.11 -20.78
C ARG C 36 14.93 11.97 -19.51
N LEU C 37 15.83 11.50 -18.66
CA LEU C 37 16.14 12.34 -17.49
C LEU C 37 16.40 13.80 -17.80
N ASP C 38 17.21 14.14 -18.83
CA ASP C 38 17.64 15.54 -19.01
C ASP C 38 18.12 15.87 -17.57
N THR C 39 18.94 14.94 -17.05
CA THR C 39 19.43 15.09 -15.66
C THR C 39 20.19 16.41 -15.62
N GLU C 40 20.28 17.03 -14.43
CA GLU C 40 20.84 18.38 -14.32
C GLU C 40 20.03 19.51 -14.97
N THR C 41 18.96 19.21 -15.73
CA THR C 41 18.05 20.18 -16.38
C THR C 41 16.89 20.54 -15.44
N GLU C 42 15.78 19.78 -15.46
CA GLU C 42 14.58 20.21 -14.75
C GLU C 42 13.89 19.15 -13.89
N GLY C 43 14.49 17.98 -13.85
CA GLY C 43 13.96 16.93 -13.01
C GLY C 43 12.83 16.19 -13.67
N VAL C 44 12.03 15.45 -12.90
CA VAL C 44 10.85 14.80 -13.46
C VAL C 44 9.94 15.95 -13.87
N PRO C 45 9.59 16.07 -15.15
CA PRO C 45 8.70 17.06 -15.74
C PRO C 45 7.24 16.91 -15.35
N SER C 46 6.52 18.02 -15.38
CA SER C 46 5.23 18.04 -14.71
C SER C 46 4.20 17.19 -15.45
N THR C 47 4.32 17.06 -16.77
CA THR C 47 3.41 16.15 -17.46
C THR C 47 3.54 14.73 -16.87
N ALA C 48 4.74 14.18 -16.70
CA ALA C 48 4.97 12.89 -16.02
C ALA C 48 4.31 12.98 -14.66
N ILE C 49 4.66 14.01 -13.91
CA ILE C 49 4.12 14.18 -12.56
C ILE C 49 2.59 14.08 -12.48
N ARG C 50 1.89 14.78 -13.35
CA ARG C 50 0.45 14.67 -13.38
C ARG C 50 -0.11 13.37 -13.91
N GLU C 51 0.37 12.94 -15.07
CA GLU C 51 -0.15 11.69 -15.65
C GLU C 51 -0.04 10.60 -14.59
N ILE C 52 1.05 10.56 -13.83
CA ILE C 52 1.23 9.47 -12.88
C ILE C 52 0.34 9.64 -11.66
N SER C 53 0.16 10.83 -11.11
CA SER C 53 -0.49 10.93 -9.82
C SER C 53 -1.99 10.77 -10.04
N LEU C 54 -2.52 11.45 -11.05
CA LEU C 54 -3.90 11.26 -11.53
C LEU C 54 -4.27 9.86 -12.04
N LEU C 55 -3.42 9.24 -12.85
CA LEU C 55 -3.75 7.96 -13.47
C LEU C 55 -3.70 6.80 -12.48
N LYS C 56 -2.85 6.94 -11.47
CA LYS C 56 -2.89 5.90 -10.48
C LYS C 56 -4.04 6.12 -9.53
N GLU C 57 -4.78 7.22 -9.70
CA GLU C 57 -5.95 7.42 -8.87
C GLU C 57 -7.11 6.80 -9.61
N LEU C 58 -7.03 6.72 -10.94
CA LEU C 58 -8.17 6.41 -11.79
C LEU C 58 -8.23 4.95 -12.20
N ASN C 59 -9.00 4.10 -11.54
CA ASN C 59 -9.11 2.71 -12.02
C ASN C 59 -10.45 2.48 -12.73
N HIS C 60 -10.49 2.48 -14.06
CA HIS C 60 -11.69 2.39 -14.93
C HIS C 60 -11.44 1.73 -16.29
N PRO C 61 -12.41 0.90 -16.68
CA PRO C 61 -12.34 0.11 -17.91
C PRO C 61 -12.23 0.97 -19.17
N ASN C 62 -12.42 2.28 -19.06
CA ASN C 62 -12.30 3.22 -20.16
C ASN C 62 -11.17 4.25 -19.98
N ILE C 63 -10.28 4.04 -19.01
CA ILE C 63 -9.05 4.82 -18.88
C ILE C 63 -7.86 3.89 -18.92
N VAL C 64 -6.86 4.25 -19.72
CA VAL C 64 -5.65 3.46 -19.87
C VAL C 64 -5.11 3.05 -18.49
N LYS C 65 -4.73 1.79 -18.34
CA LYS C 65 -4.21 1.25 -17.12
C LYS C 65 -2.72 1.52 -17.10
N LEU C 66 -2.23 2.21 -16.08
CA LEU C 66 -0.81 2.49 -15.92
C LEU C 66 -0.39 1.35 -15.02
N LEU C 67 0.43 0.44 -15.51
CA LEU C 67 0.62 -0.83 -14.81
C LEU C 67 1.70 -0.65 -13.75
N ASP C 68 2.80 -0.03 -14.15
CA ASP C 68 3.91 0.20 -13.26
C ASP C 68 4.71 1.37 -13.76
N VAL C 69 5.47 1.91 -12.82
CA VAL C 69 6.38 3.00 -13.13
C VAL C 69 7.78 2.57 -12.72
N ILE C 70 8.76 2.76 -13.58
CA ILE C 70 10.07 2.26 -13.25
C ILE C 70 11.03 3.38 -12.98
N HIS C 71 11.64 3.25 -11.81
CA HIS C 71 12.45 4.28 -11.19
C HIS C 71 13.91 3.89 -11.39
N THR C 72 14.58 4.57 -12.30
CA THR C 72 16.02 4.40 -12.34
C THR C 72 16.51 5.81 -12.05
N GLU C 73 17.82 5.98 -11.91
CA GLU C 73 18.43 7.28 -11.62
C GLU C 73 18.40 8.15 -12.87
N ASN C 74 18.31 7.54 -14.05
CA ASN C 74 18.64 8.17 -15.35
C ASN C 74 17.49 8.19 -16.37
N LYS C 75 16.65 7.16 -16.33
CA LYS C 75 15.47 7.13 -17.19
C LYS C 75 14.30 6.85 -16.25
N LEU C 76 13.10 7.30 -16.64
CA LEU C 76 11.90 6.96 -15.91
C LEU C 76 10.99 6.37 -16.95
N TYR C 77 10.64 5.09 -16.77
CA TYR C 77 9.71 4.41 -17.67
C TYR C 77 8.29 4.28 -17.10
N LEU C 78 7.29 4.60 -17.91
CA LEU C 78 5.91 4.39 -17.51
C LEU C 78 5.37 3.17 -18.23
N VAL C 79 4.72 2.26 -17.54
CA VAL C 79 4.33 1.03 -18.18
C VAL C 79 2.81 0.97 -18.26
N PHE C 80 2.29 1.27 -19.44
CA PHE C 80 0.84 1.21 -19.58
C PHE C 80 0.53 -0.16 -20.19
N GLU C 81 -0.66 -0.66 -19.91
CA GLU C 81 -1.26 -1.68 -20.77
C GLU C 81 -1.20 -1.29 -22.25
N PHE C 82 -1.25 -2.29 -23.11
CA PHE C 82 -1.07 -2.05 -24.53
C PHE C 82 -2.38 -2.23 -25.29
N LEU C 83 -2.70 -1.23 -26.10
CA LEU C 83 -3.84 -1.34 -26.99
C LEU C 83 -3.47 -1.13 -28.46
N HIS C 84 -4.20 -1.78 -29.36
CA HIS C 84 -3.70 -2.22 -30.66
C HIS C 84 -3.53 -1.02 -31.58
N GLN C 85 -4.30 0.05 -31.37
CA GLN C 85 -4.02 1.36 -31.94
C GLN C 85 -4.98 2.48 -31.53
N ASP C 86 -4.90 3.61 -32.24
CA ASP C 86 -5.59 4.79 -31.79
C ASP C 86 -6.72 5.23 -32.73
N LEU C 87 -7.59 6.12 -32.27
CA LEU C 87 -8.85 6.44 -32.93
C LEU C 87 -8.67 7.21 -34.23
N LYS C 88 -7.65 8.04 -34.29
CA LYS C 88 -7.31 8.85 -35.48
C LYS C 88 -6.86 7.95 -36.63
N LYS C 89 -6.18 6.87 -36.28
CA LYS C 89 -5.64 5.95 -37.28
C LYS C 89 -6.82 5.13 -37.72
N PHE C 90 -7.60 4.60 -36.79
CA PHE C 90 -8.84 3.95 -37.21
C PHE C 90 -9.74 4.78 -38.14
N MET C 91 -10.01 6.02 -37.77
CA MET C 91 -10.73 6.94 -38.63
C MET C 91 -10.15 7.02 -40.03
N ASP C 92 -8.89 7.43 -40.18
CA ASP C 92 -8.25 7.46 -41.49
C ASP C 92 -8.28 6.20 -42.33
N ALA C 93 -8.20 5.06 -41.65
CA ALA C 93 -8.24 3.81 -42.34
C ALA C 93 -9.68 3.62 -42.74
N SER C 94 -10.62 3.88 -41.83
CA SER C 94 -12.02 3.56 -42.04
C SER C 94 -12.63 4.66 -42.87
N ALA C 95 -11.84 5.67 -43.26
CA ALA C 95 -12.30 6.76 -44.13
C ALA C 95 -12.85 6.14 -45.41
N LEU C 96 -13.73 6.86 -46.09
CA LEU C 96 -14.42 6.32 -47.28
C LEU C 96 -15.48 5.22 -47.05
N THR C 97 -15.42 4.45 -45.98
CA THR C 97 -16.39 3.40 -45.70
C THR C 97 -17.32 3.80 -44.54
N GLY C 98 -17.00 4.89 -43.86
CA GLY C 98 -17.67 5.19 -42.59
C GLY C 98 -17.18 4.33 -41.45
N ILE C 99 -17.24 4.76 -40.19
CA ILE C 99 -17.17 3.82 -39.07
C ILE C 99 -18.62 3.44 -38.83
N PRO C 100 -18.89 2.14 -38.77
CA PRO C 100 -20.27 1.73 -38.54
C PRO C 100 -20.98 2.52 -37.45
N LEU C 101 -22.21 2.98 -37.68
CA LEU C 101 -22.90 3.83 -36.73
C LEU C 101 -23.02 3.21 -35.33
N PRO C 102 -23.27 1.90 -35.29
CA PRO C 102 -23.25 1.28 -33.97
C PRO C 102 -21.92 1.36 -33.21
N LEU C 103 -20.79 1.31 -33.91
CA LEU C 103 -19.46 1.43 -33.32
C LEU C 103 -19.15 2.87 -32.86
N ILE C 104 -19.61 3.87 -33.60
CA ILE C 104 -19.63 5.25 -33.10
C ILE C 104 -20.40 5.39 -31.78
N LYS C 105 -21.59 4.81 -31.67
CA LYS C 105 -22.37 4.99 -30.47
C LYS C 105 -21.75 4.26 -29.29
N SER C 106 -21.08 3.14 -29.56
CA SER C 106 -20.42 2.43 -28.49
C SER C 106 -19.23 3.21 -27.95
N TYR C 107 -18.49 3.84 -28.86
CA TYR C 107 -17.31 4.59 -28.47
C TYR C 107 -17.71 5.79 -27.60
N LEU C 108 -18.73 6.50 -28.07
CA LEU C 108 -19.18 7.71 -27.39
C LEU C 108 -19.60 7.41 -25.96
N PHE C 109 -20.20 6.27 -25.76
CA PHE C 109 -20.75 5.84 -24.47
C PHE C 109 -19.64 5.52 -23.49
N GLN C 110 -18.82 4.54 -23.82
CA GLN C 110 -17.45 4.40 -23.28
C GLN C 110 -16.74 5.70 -22.92
N LEU C 111 -16.45 6.48 -23.95
CA LEU C 111 -15.85 7.79 -23.67
C LEU C 111 -16.58 8.60 -22.57
N LEU C 112 -17.91 8.59 -22.45
CA LEU C 112 -18.56 9.52 -21.53
C LEU C 112 -18.51 8.83 -20.16
N GLN C 113 -18.39 7.51 -20.16
CA GLN C 113 -18.42 6.80 -18.91
C GLN C 113 -17.10 7.07 -18.22
N GLY C 114 -15.99 7.01 -18.94
CA GLY C 114 -14.69 7.27 -18.34
C GLY C 114 -14.56 8.76 -18.10
N LEU C 115 -15.07 9.63 -18.96
CA LEU C 115 -15.06 11.06 -18.67
C LEU C 115 -15.83 11.35 -17.41
N ALA C 116 -16.94 10.65 -17.19
CA ALA C 116 -17.82 10.93 -16.06
C ALA C 116 -17.08 10.52 -14.79
N PHE C 117 -16.30 9.43 -14.87
CA PHE C 117 -15.48 8.94 -13.78
C PHE C 117 -14.42 9.98 -13.51
N CYS C 118 -13.75 10.53 -14.51
CA CYS C 118 -12.71 11.50 -14.29
C CYS C 118 -13.30 12.71 -13.54
N HIS C 119 -14.43 13.21 -14.03
CA HIS C 119 -15.00 14.41 -13.43
C HIS C 119 -15.44 14.32 -11.99
N SER C 120 -15.83 13.11 -11.63
CA SER C 120 -16.44 12.91 -10.32
C SER C 120 -15.29 12.54 -9.39
N HIS C 121 -14.15 12.12 -9.91
CA HIS C 121 -12.93 12.06 -9.09
C HIS C 121 -12.12 13.31 -9.30
N ARG C 122 -12.80 14.44 -9.45
CA ARG C 122 -12.18 15.76 -9.61
C ARG C 122 -10.98 15.85 -10.52
N VAL C 123 -11.03 15.14 -11.65
CA VAL C 123 -9.99 15.29 -12.67
C VAL C 123 -10.47 15.79 -14.04
N LEU C 124 -9.91 16.87 -14.58
CA LEU C 124 -10.18 17.38 -15.93
C LEU C 124 -9.15 16.80 -16.86
N HIS C 125 -9.57 16.20 -17.96
CA HIS C 125 -8.64 15.77 -18.98
C HIS C 125 -8.01 16.91 -19.76
N ARG C 126 -8.80 17.89 -20.20
CA ARG C 126 -8.29 19.07 -20.90
C ARG C 126 -7.82 18.93 -22.34
N ASP C 127 -7.56 17.72 -22.83
CA ASP C 127 -6.98 17.56 -24.15
C ASP C 127 -7.51 16.31 -24.85
N LEU C 128 -8.82 16.16 -24.86
CA LEU C 128 -9.40 15.05 -25.56
C LEU C 128 -9.22 15.23 -27.07
N LYS C 129 -8.66 14.25 -27.76
CA LYS C 129 -8.74 14.25 -29.23
C LYS C 129 -8.44 12.86 -29.73
N PRO C 130 -8.85 12.57 -30.96
CA PRO C 130 -8.67 11.25 -31.53
C PRO C 130 -7.31 10.57 -31.29
N GLN C 131 -6.23 11.34 -31.31
CA GLN C 131 -4.87 10.82 -31.09
C GLN C 131 -4.64 10.27 -29.69
N ASN C 132 -5.37 10.74 -28.68
CA ASN C 132 -5.27 10.28 -27.31
C ASN C 132 -6.31 9.23 -26.93
N LEU C 133 -7.19 8.86 -27.86
CA LEU C 133 -8.28 7.96 -27.53
C LEU C 133 -7.83 6.65 -28.12
N LEU C 134 -7.59 5.64 -27.27
CA LEU C 134 -7.06 4.36 -27.71
C LEU C 134 -8.07 3.22 -27.79
N ILE C 135 -8.01 2.43 -28.86
CA ILE C 135 -8.94 1.34 -29.08
C ILE C 135 -8.22 0.01 -29.16
N ASN C 136 -8.82 -1.06 -28.67
CA ASN C 136 -8.30 -2.42 -28.83
C ASN C 136 -9.15 -3.30 -29.77
N THR C 137 -8.72 -4.53 -30.00
CA THR C 137 -9.31 -5.42 -30.99
C THR C 137 -10.69 -5.85 -30.47
N GLU C 138 -11.05 -5.67 -29.21
CA GLU C 138 -12.35 -6.10 -28.72
C GLU C 138 -13.29 -4.92 -28.83
N GLY C 139 -12.79 -3.78 -29.31
CA GLY C 139 -13.58 -2.55 -29.52
C GLY C 139 -14.00 -1.85 -28.23
N ALA C 140 -13.13 -2.05 -27.25
CA ALA C 140 -13.01 -1.19 -26.09
C ALA C 140 -12.37 0.11 -26.58
N ILE C 141 -12.78 1.27 -26.07
CA ILE C 141 -12.09 2.53 -26.38
C ILE C 141 -11.75 3.13 -25.01
N LYS C 142 -10.52 3.64 -24.86
CA LYS C 142 -10.05 4.05 -23.55
C LYS C 142 -9.41 5.42 -23.60
N LEU C 143 -9.69 6.26 -22.58
CA LEU C 143 -9.06 7.57 -22.48
C LEU C 143 -7.55 7.49 -22.20
N ALA C 144 -6.75 8.35 -22.81
CA ALA C 144 -5.32 8.33 -22.62
C ALA C 144 -4.63 9.71 -22.66
N ASP C 145 -3.29 9.70 -22.61
CA ASP C 145 -2.43 10.87 -22.48
C ASP C 145 -2.89 11.93 -21.49
N PHE C 146 -2.73 11.68 -20.20
CA PHE C 146 -3.23 12.58 -19.16
C PHE C 146 -2.23 13.63 -18.66
N GLY C 147 -1.22 13.88 -19.48
CA GLY C 147 -0.12 14.81 -19.22
C GLY C 147 -0.56 16.23 -18.98
N LEU C 148 -1.58 16.68 -19.71
CA LEU C 148 -2.19 18.00 -19.49
C LEU C 148 -3.42 17.92 -18.61
N ALA C 149 -3.63 16.86 -17.84
CA ALA C 149 -4.78 16.76 -16.91
C ALA C 149 -4.63 17.62 -15.64
N ARG C 150 -5.71 18.16 -15.07
CA ARG C 150 -5.53 18.92 -13.85
C ARG C 150 -6.56 18.52 -12.81
N ALA C 151 -6.23 18.35 -11.54
CA ALA C 151 -7.20 18.15 -10.48
C ALA C 151 -7.83 19.49 -10.24
N PHE C 152 -9.14 19.60 -10.03
CA PHE C 152 -9.86 20.85 -9.82
C PHE C 152 -10.66 20.94 -8.52
N GLY C 153 -10.21 20.26 -7.46
CA GLY C 153 -10.49 20.70 -6.09
C GLY C 153 -10.40 22.20 -5.88
N VAL C 154 -9.52 22.87 -6.60
CA VAL C 154 -9.56 24.33 -6.59
C VAL C 154 -9.80 24.65 -8.06
N PRO C 155 -10.56 25.68 -8.44
CA PRO C 155 -10.70 25.99 -9.86
C PRO C 155 -9.39 26.18 -10.65
N VAL C 156 -9.34 25.58 -11.83
CA VAL C 156 -8.15 25.54 -12.67
C VAL C 156 -8.12 26.71 -13.64
N ARG C 157 -7.01 27.42 -13.74
CA ARG C 157 -6.98 28.73 -14.37
C ARG C 157 -6.52 28.57 -15.80
N THR C 158 -7.15 29.40 -16.63
CA THR C 158 -6.90 29.35 -18.05
C THR C 158 -5.48 29.73 -18.41
N TYR C 159 -4.88 28.85 -19.20
CA TYR C 159 -3.54 29.06 -19.77
C TYR C 159 -3.44 30.34 -20.60
N THR C 160 -2.85 31.39 -20.01
CA THR C 160 -2.82 32.65 -20.77
C THR C 160 -2.47 32.46 -22.27
N HIS C 161 -1.46 31.63 -22.57
CA HIS C 161 -0.87 31.45 -23.94
C HIS C 161 -0.90 29.94 -24.23
N GLU C 162 -2.13 29.44 -24.24
CA GLU C 162 -2.29 27.94 -24.17
C GLU C 162 -1.30 27.25 -25.14
N VAL C 163 -0.58 26.22 -24.66
CA VAL C 163 -0.16 25.14 -25.60
C VAL C 163 -1.07 23.86 -25.57
N VAL C 164 -2.29 23.93 -26.13
CA VAL C 164 -3.35 23.05 -25.65
C VAL C 164 -4.39 22.68 -26.73
N THR C 165 -4.04 22.50 -28.01
CA THR C 165 -4.95 22.08 -29.09
C THR C 165 -6.18 22.95 -29.40
N LEU C 166 -6.39 23.16 -30.69
CA LEU C 166 -7.27 24.22 -31.16
C LEU C 166 -8.63 23.66 -31.62
N TRP C 167 -8.56 22.70 -32.52
CA TRP C 167 -9.70 22.08 -33.16
C TRP C 167 -10.78 21.66 -32.18
N TYR C 168 -10.35 21.24 -30.99
CA TYR C 168 -11.29 20.75 -29.97
C TYR C 168 -11.48 21.66 -28.78
N ARG C 169 -11.08 22.92 -28.92
CA ARG C 169 -11.15 23.83 -27.77
C ARG C 169 -12.54 24.39 -27.53
N ALA C 170 -12.93 24.63 -26.29
CA ALA C 170 -14.31 25.13 -26.07
C ALA C 170 -14.37 26.64 -26.33
N PRO C 171 -15.54 27.20 -26.70
CA PRO C 171 -15.74 28.58 -27.07
C PRO C 171 -15.49 29.55 -25.93
N GLU C 172 -15.77 29.13 -24.71
CA GLU C 172 -15.65 30.02 -23.55
C GLU C 172 -14.19 30.12 -23.21
N ILE C 173 -13.40 29.11 -23.55
CA ILE C 173 -11.97 29.23 -23.37
C ILE C 173 -11.38 30.20 -24.40
N LEU C 174 -11.88 30.17 -25.64
CA LEU C 174 -11.52 31.02 -26.78
C LEU C 174 -11.90 32.47 -26.55
N LEU C 175 -13.04 32.65 -25.93
CA LEU C 175 -13.55 33.98 -25.73
C LEU C 175 -12.86 34.56 -24.50
N GLY C 176 -11.92 33.85 -23.89
CA GLY C 176 -11.18 34.36 -22.72
C GLY C 176 -11.76 34.19 -21.33
N CYS C 177 -12.34 33.06 -21.00
CA CYS C 177 -12.71 32.77 -19.61
C CYS C 177 -11.47 32.62 -18.74
N LYS C 178 -11.60 33.08 -17.51
CA LYS C 178 -10.50 32.95 -16.56
C LYS C 178 -10.26 31.57 -15.92
N TYR C 179 -11.32 30.76 -15.85
CA TYR C 179 -11.28 29.38 -15.41
C TYR C 179 -11.76 28.27 -16.37
N TYR C 180 -11.13 27.10 -16.35
CA TYR C 180 -11.71 25.93 -17.00
C TYR C 180 -12.93 25.35 -16.28
N SER C 181 -13.56 24.34 -16.85
CA SER C 181 -14.58 23.62 -16.12
C SER C 181 -14.78 22.33 -16.87
N THR C 182 -15.62 21.48 -16.30
CA THR C 182 -15.73 20.13 -16.83
C THR C 182 -16.38 20.21 -18.21
N ALA C 183 -17.17 21.25 -18.43
CA ALA C 183 -17.80 21.56 -19.70
C ALA C 183 -16.83 21.50 -20.87
N VAL C 184 -15.63 22.02 -20.71
CA VAL C 184 -14.65 22.05 -21.81
C VAL C 184 -14.39 20.63 -22.29
N ASP C 185 -14.46 19.64 -21.40
CA ASP C 185 -14.17 18.26 -21.83
C ASP C 185 -15.30 17.73 -22.69
N ILE C 186 -16.53 18.08 -22.33
CA ILE C 186 -17.70 17.64 -23.06
C ILE C 186 -17.77 18.23 -24.48
N TRP C 187 -17.38 19.49 -24.64
CA TRP C 187 -17.21 20.09 -25.96
C TRP C 187 -16.31 19.26 -26.84
N SER C 188 -15.22 18.82 -26.22
CA SER C 188 -14.31 18.04 -27.05
C SER C 188 -14.97 16.77 -27.55
N LEU C 189 -15.55 15.99 -26.66
CA LEU C 189 -16.25 14.76 -27.03
C LEU C 189 -17.30 15.06 -28.08
N GLY C 190 -17.99 16.18 -27.92
CA GLY C 190 -18.88 16.65 -28.98
C GLY C 190 -18.36 16.72 -30.43
N CYS C 191 -17.20 17.37 -30.57
CA CYS C 191 -16.49 17.44 -31.82
C CYS C 191 -16.05 16.07 -32.26
N ILE C 192 -15.69 15.23 -31.31
CA ILE C 192 -15.10 13.94 -31.63
C ILE C 192 -16.26 13.06 -32.05
N PHE C 193 -17.44 13.30 -31.49
CA PHE C 193 -18.66 12.59 -31.89
C PHE C 193 -18.98 12.87 -33.36
N ALA C 194 -19.01 14.17 -33.65
CA ALA C 194 -19.35 14.73 -34.94
C ALA C 194 -18.35 14.19 -35.95
N GLU C 195 -17.08 14.05 -35.55
CA GLU C 195 -16.00 13.73 -36.49
C GLU C 195 -16.11 12.26 -36.90
N MET C 196 -16.31 11.31 -36.00
CA MET C 196 -16.62 9.96 -36.45
C MET C 196 -17.75 9.98 -37.49
N VAL C 197 -18.82 10.72 -37.24
CA VAL C 197 -19.98 10.62 -38.10
C VAL C 197 -19.76 11.18 -39.52
N THR C 198 -19.27 12.42 -39.63
CA THR C 198 -19.07 13.10 -40.87
C THR C 198 -17.72 12.77 -41.43
N ARG C 199 -16.86 12.03 -40.76
CA ARG C 199 -15.58 11.62 -41.35
C ARG C 199 -14.53 12.72 -41.36
N ARG C 200 -14.88 13.88 -40.83
CA ARG C 200 -14.01 15.01 -41.02
C ARG C 200 -14.21 15.94 -39.82
N ALA C 201 -13.14 16.65 -39.47
CA ALA C 201 -13.07 17.51 -38.29
C ALA C 201 -14.08 18.66 -38.31
N LEU C 202 -14.92 18.84 -37.30
CA LEU C 202 -16.06 19.75 -37.35
C LEU C 202 -15.61 21.20 -37.43
N PHE C 203 -14.74 21.56 -36.50
CA PHE C 203 -14.14 22.89 -36.50
C PHE C 203 -12.63 22.79 -36.68
N PRO C 204 -12.13 22.59 -37.90
CA PRO C 204 -10.68 22.50 -38.05
C PRO C 204 -10.04 23.90 -38.13
N GLY C 205 -9.69 24.50 -37.00
CA GLY C 205 -9.25 25.90 -37.01
C GLY C 205 -7.75 26.02 -37.08
N ASP C 206 -7.28 27.12 -37.65
CA ASP C 206 -5.85 27.45 -37.86
C ASP C 206 -5.24 28.37 -36.79
N SER C 207 -6.05 29.27 -36.24
CA SER C 207 -5.69 30.06 -35.10
C SER C 207 -6.86 30.19 -34.13
N GLU C 208 -6.75 31.11 -33.19
CA GLU C 208 -7.81 31.30 -32.23
C GLU C 208 -9.06 31.90 -32.88
N ILE C 209 -8.86 32.91 -33.72
CA ILE C 209 -10.01 33.60 -34.29
C ILE C 209 -10.59 32.78 -35.44
N ASP C 210 -9.73 32.00 -36.08
CA ASP C 210 -10.23 31.05 -37.06
C ASP C 210 -11.20 30.06 -36.42
N GLN C 211 -10.86 29.54 -35.24
CA GLN C 211 -11.70 28.55 -34.56
C GLN C 211 -13.00 29.20 -34.04
N LEU C 212 -12.90 30.41 -33.54
CA LEU C 212 -14.13 31.06 -33.11
C LEU C 212 -15.13 31.12 -34.25
N PHE C 213 -14.65 31.34 -35.47
CA PHE C 213 -15.55 31.69 -36.57
C PHE C 213 -16.11 30.39 -37.15
N ARG C 214 -15.23 29.39 -37.15
CA ARG C 214 -15.70 28.08 -37.53
C ARG C 214 -16.86 27.60 -36.68
N ILE C 215 -16.80 27.90 -35.40
CA ILE C 215 -17.87 27.59 -34.48
C ILE C 215 -19.09 28.42 -34.82
N PHE C 216 -18.84 29.70 -35.06
CA PHE C 216 -19.90 30.70 -35.19
C PHE C 216 -20.62 30.40 -36.50
N ARG C 217 -19.90 29.90 -37.50
CA ARG C 217 -20.56 29.62 -38.77
C ARG C 217 -21.31 28.30 -38.77
N THR C 218 -21.30 27.57 -37.65
CA THR C 218 -22.11 26.35 -37.58
C THR C 218 -23.24 26.51 -36.60
N LEU C 219 -23.00 27.13 -35.44
CA LEU C 219 -23.93 27.02 -34.33
C LEU C 219 -24.52 28.41 -34.12
N GLY C 220 -24.03 29.38 -34.89
CA GLY C 220 -24.36 30.80 -34.68
C GLY C 220 -23.46 31.63 -33.78
N THR C 221 -23.58 32.93 -33.96
CA THR C 221 -22.89 33.92 -33.14
C THR C 221 -23.75 34.08 -31.89
N PRO C 222 -23.19 33.82 -30.70
CA PRO C 222 -23.79 34.08 -29.40
C PRO C 222 -24.32 35.46 -29.05
N ASP C 223 -25.58 35.53 -28.59
CA ASP C 223 -26.12 36.73 -27.94
C ASP C 223 -26.36 36.52 -26.45
N GLU C 224 -26.71 37.54 -25.66
CA GLU C 224 -27.13 37.29 -24.27
C GLU C 224 -28.33 36.37 -24.04
N VAL C 225 -29.20 36.11 -25.00
CA VAL C 225 -30.36 35.25 -24.77
C VAL C 225 -29.91 33.79 -24.67
N VAL C 226 -29.00 33.41 -25.57
CA VAL C 226 -28.45 32.07 -25.66
C VAL C 226 -27.41 31.94 -24.56
N TRP C 227 -26.60 32.97 -24.30
CA TRP C 227 -25.39 32.89 -23.47
C TRP C 227 -25.22 34.19 -22.69
N PRO C 228 -25.96 34.28 -21.58
CA PRO C 228 -25.84 35.42 -20.68
C PRO C 228 -24.42 35.70 -20.24
N GLY C 229 -23.84 36.85 -20.59
CA GLY C 229 -22.46 37.21 -20.24
C GLY C 229 -21.53 37.30 -21.42
N VAL C 230 -21.90 36.64 -22.52
CA VAL C 230 -21.00 36.44 -23.65
C VAL C 230 -20.46 37.80 -24.05
N THR C 231 -21.34 38.79 -24.11
CA THR C 231 -21.00 40.10 -24.69
C THR C 231 -20.05 40.87 -23.79
N SER C 232 -19.89 40.44 -22.53
CA SER C 232 -18.97 41.08 -21.60
C SER C 232 -17.66 40.35 -21.40
N MET C 233 -17.30 39.41 -22.27
CA MET C 233 -16.10 38.61 -22.11
C MET C 233 -14.87 39.18 -22.83
N PRO C 234 -13.71 39.06 -22.20
CA PRO C 234 -12.47 39.66 -22.62
C PRO C 234 -12.14 39.63 -24.10
N ASP C 235 -12.41 38.55 -24.82
CA ASP C 235 -12.11 38.50 -26.25
C ASP C 235 -13.34 38.60 -27.17
N TYR C 236 -14.51 38.88 -26.59
CA TYR C 236 -15.70 39.02 -27.42
C TYR C 236 -15.51 40.34 -28.12
N LYS C 237 -16.06 40.54 -29.32
CA LYS C 237 -16.03 41.84 -29.98
C LYS C 237 -17.42 42.03 -30.61
N PRO C 238 -18.03 43.22 -30.50
CA PRO C 238 -19.32 43.44 -31.18
C PRO C 238 -19.14 43.61 -32.68
N SER C 239 -17.93 43.97 -33.10
CA SER C 239 -17.43 43.69 -34.43
C SER C 239 -17.85 42.33 -35.03
N PHE C 240 -17.81 41.27 -34.24
CA PHE C 240 -17.95 39.90 -34.73
C PHE C 240 -19.21 39.77 -35.56
N PRO C 241 -19.15 39.17 -36.75
CA PRO C 241 -20.29 39.10 -37.65
C PRO C 241 -21.36 38.32 -36.96
N LYS C 242 -22.63 38.54 -37.30
CA LYS C 242 -23.75 37.91 -36.61
C LYS C 242 -24.47 36.93 -37.54
N TRP C 243 -23.91 35.72 -37.56
CA TRP C 243 -24.50 34.59 -38.27
C TRP C 243 -25.65 33.87 -37.54
N ALA C 244 -26.26 32.87 -38.16
CA ALA C 244 -27.50 32.23 -37.69
C ALA C 244 -27.26 30.74 -37.47
N ARG C 245 -28.00 30.12 -36.57
CA ARG C 245 -27.79 28.70 -36.31
C ARG C 245 -28.26 27.83 -37.49
N GLN C 246 -27.34 27.04 -38.03
CA GLN C 246 -27.73 26.03 -39.00
C GLN C 246 -28.52 24.85 -38.46
N ASP C 247 -29.28 24.19 -39.34
CA ASP C 247 -29.98 23.01 -38.88
C ASP C 247 -28.92 21.94 -38.74
N PHE C 248 -28.89 21.27 -37.59
CA PHE C 248 -27.97 20.16 -37.42
C PHE C 248 -28.16 19.06 -38.46
N SER C 249 -29.27 19.01 -39.18
CA SER C 249 -29.40 18.02 -40.25
C SER C 249 -28.52 18.33 -41.46
N LYS C 250 -27.79 19.45 -41.40
CA LYS C 250 -26.80 19.74 -42.42
C LYS C 250 -25.35 19.67 -41.93
N VAL C 251 -25.18 19.76 -40.60
CA VAL C 251 -23.92 19.49 -39.90
C VAL C 251 -23.53 18.01 -39.83
N VAL C 252 -24.41 17.19 -39.26
CA VAL C 252 -24.15 15.76 -39.13
C VAL C 252 -25.34 14.99 -39.74
N PRO C 253 -25.30 14.83 -41.08
CA PRO C 253 -26.39 14.19 -41.84
C PRO C 253 -26.67 12.72 -41.55
N PRO C 254 -25.66 11.85 -41.48
CA PRO C 254 -25.98 10.45 -41.28
C PRO C 254 -26.49 9.99 -39.91
N LEU C 255 -26.87 10.98 -39.12
CA LEU C 255 -27.04 10.76 -37.71
C LEU C 255 -28.49 11.06 -37.38
N ASP C 256 -29.10 10.17 -36.61
CA ASP C 256 -30.52 10.21 -36.28
C ASP C 256 -30.91 11.36 -35.35
N GLU C 257 -32.19 11.42 -35.02
CA GLU C 257 -32.74 12.59 -34.33
C GLU C 257 -32.30 12.53 -32.88
N ASP C 258 -32.07 11.36 -32.31
CA ASP C 258 -31.56 11.24 -30.94
C ASP C 258 -30.09 11.64 -30.87
N GLY C 259 -29.26 11.16 -31.77
CA GLY C 259 -27.87 11.56 -31.72
C GLY C 259 -27.77 13.07 -31.77
N ARG C 260 -28.63 13.68 -32.58
CA ARG C 260 -28.48 15.08 -32.89
C ARG C 260 -28.97 15.98 -31.79
N SER C 261 -30.03 15.53 -31.11
CA SER C 261 -30.36 16.04 -29.78
C SER C 261 -29.12 16.08 -28.89
N LEU C 262 -28.48 14.92 -28.71
CA LEU C 262 -27.32 14.83 -27.85
C LEU C 262 -26.20 15.70 -28.33
N LEU C 263 -25.86 15.61 -29.62
CA LEU C 263 -24.70 16.33 -30.14
C LEU C 263 -24.84 17.80 -29.80
N SER C 264 -26.06 18.31 -29.91
CA SER C 264 -26.28 19.76 -29.78
C SER C 264 -26.22 20.25 -28.34
N GLN C 265 -26.47 19.33 -27.41
CA GLN C 265 -26.47 19.62 -25.98
C GLN C 265 -25.04 19.54 -25.44
N MET C 266 -24.25 18.64 -26.05
CA MET C 266 -22.81 18.68 -25.96
C MET C 266 -22.11 19.93 -26.52
N LEU C 267 -22.75 20.61 -27.49
CA LEU C 267 -22.16 21.79 -28.13
C LEU C 267 -22.94 23.04 -27.79
N HIS C 268 -23.57 23.09 -26.62
CA HIS C 268 -24.12 24.32 -26.08
C HIS C 268 -23.20 25.50 -25.80
N TYR C 269 -23.66 26.73 -25.93
CA TYR C 269 -22.66 27.78 -25.92
C TYR C 269 -22.31 27.99 -24.48
N ASP C 270 -23.33 28.10 -23.63
CA ASP C 270 -23.21 28.46 -22.21
C ASP C 270 -22.69 27.28 -21.44
N PRO C 271 -21.49 27.35 -20.86
CA PRO C 271 -20.92 26.14 -20.29
C PRO C 271 -21.73 25.72 -19.08
N ASN C 272 -22.51 26.63 -18.54
CA ASN C 272 -23.46 26.28 -17.51
C ASN C 272 -24.66 25.45 -17.93
N LYS C 273 -24.98 25.35 -19.20
CA LYS C 273 -26.15 24.59 -19.65
C LYS C 273 -25.64 23.41 -20.44
N ARG C 274 -24.36 23.45 -20.79
CA ARG C 274 -23.85 22.29 -21.51
C ARG C 274 -24.01 20.95 -20.77
N ILE C 275 -24.39 19.88 -21.43
CA ILE C 275 -24.77 18.65 -20.74
C ILE C 275 -23.57 18.05 -20.05
N SER C 276 -23.81 17.49 -18.87
CA SER C 276 -22.71 16.86 -18.18
C SER C 276 -22.52 15.44 -18.67
N ALA C 277 -21.41 14.81 -18.35
CA ALA C 277 -21.17 13.44 -18.80
C ALA C 277 -22.21 12.51 -18.19
N LYS C 278 -22.51 12.67 -16.91
CA LYS C 278 -23.40 11.75 -16.22
C LYS C 278 -24.81 11.96 -16.81
N ALA C 279 -25.23 13.19 -17.07
CA ALA C 279 -26.47 13.43 -17.82
C ALA C 279 -26.45 12.77 -19.20
N ALA C 280 -25.49 13.09 -20.05
CA ALA C 280 -25.37 12.50 -21.38
C ALA C 280 -25.58 11.01 -21.47
N LEU C 281 -25.04 10.32 -20.46
CA LEU C 281 -25.08 8.86 -20.47
C LEU C 281 -26.55 8.42 -20.38
N ALA C 282 -27.43 9.29 -19.87
CA ALA C 282 -28.82 8.96 -19.65
C ALA C 282 -29.61 9.40 -20.88
N HIS C 283 -28.95 9.92 -21.91
CA HIS C 283 -29.70 10.32 -23.11
C HIS C 283 -30.22 9.12 -23.91
N PRO C 284 -31.47 9.20 -24.37
CA PRO C 284 -32.10 8.17 -25.19
C PRO C 284 -31.28 7.62 -26.32
N PHE C 285 -30.40 8.42 -26.89
CA PHE C 285 -29.41 7.89 -27.82
C PHE C 285 -28.69 6.61 -27.42
N PHE C 286 -28.63 6.34 -26.12
CA PHE C 286 -27.76 5.29 -25.60
C PHE C 286 -28.57 4.10 -25.13
N GLN C 287 -29.86 4.05 -25.45
CA GLN C 287 -30.72 3.02 -24.90
C GLN C 287 -30.45 1.68 -25.58
N ASP C 288 -30.11 1.67 -26.85
CA ASP C 288 -29.83 0.47 -27.58
C ASP C 288 -28.34 0.38 -27.96
N VAL C 289 -27.50 0.64 -26.97
CA VAL C 289 -26.04 0.56 -27.16
C VAL C 289 -25.55 -0.89 -27.09
N THR C 290 -24.93 -1.36 -28.18
CA THR C 290 -24.45 -2.74 -28.27
C THR C 290 -22.97 -2.81 -27.90
N LYS C 291 -22.18 -3.75 -28.41
CA LYS C 291 -20.77 -3.91 -28.05
C LYS C 291 -19.95 -4.44 -29.24
N PRO C 292 -20.07 -3.77 -30.38
CA PRO C 292 -19.48 -4.19 -31.66
C PRO C 292 -17.95 -4.20 -31.62
N VAL C 293 -17.34 -4.91 -32.55
CA VAL C 293 -15.89 -5.12 -32.62
C VAL C 293 -15.42 -4.53 -33.95
N PRO C 294 -14.41 -3.68 -33.90
CA PRO C 294 -13.97 -2.98 -35.10
C PRO C 294 -13.32 -3.93 -36.10
N HIS C 295 -13.47 -3.66 -37.39
CA HIS C 295 -12.61 -4.28 -38.38
C HIS C 295 -11.36 -3.39 -38.42
N LEU C 296 -10.25 -3.94 -37.94
CA LEU C 296 -9.10 -3.13 -37.50
C LEU C 296 -8.05 -2.81 -38.59
N ARG C 297 -8.06 -1.54 -39.00
N VAL D 3 -24.25 24.24 -8.61
CA VAL D 3 -25.02 22.96 -8.30
C VAL D 3 -24.69 21.87 -9.36
N PRO D 4 -23.39 21.69 -9.77
CA PRO D 4 -23.04 20.64 -10.80
C PRO D 4 -23.36 19.26 -10.22
N ASP D 5 -23.63 18.29 -11.10
CA ASP D 5 -24.18 16.95 -10.75
C ASP D 5 -23.15 15.93 -10.20
N TYR D 6 -22.06 16.49 -9.68
CA TYR D 6 -20.94 15.71 -9.17
C TYR D 6 -20.20 16.34 -8.01
N HIS D 7 -20.57 17.56 -7.61
CA HIS D 7 -20.07 18.15 -6.37
C HIS D 7 -20.21 17.29 -5.12
N GLU D 8 -21.36 16.64 -4.98
CA GLU D 8 -21.57 15.65 -3.93
C GLU D 8 -20.52 14.54 -3.97
N ASP D 9 -20.30 14.01 -5.17
CA ASP D 9 -19.34 12.91 -5.33
C ASP D 9 -17.95 13.45 -5.01
N ILE D 10 -17.62 14.60 -5.59
CA ILE D 10 -16.36 15.31 -5.38
C ILE D 10 -16.17 15.61 -3.90
N HIS D 11 -17.20 16.07 -3.19
CA HIS D 11 -17.00 16.31 -1.78
C HIS D 11 -16.73 15.00 -1.06
N THR D 12 -17.49 13.98 -1.42
CA THR D 12 -17.35 12.65 -0.84
C THR D 12 -16.00 12.03 -1.11
N TYR D 13 -15.47 12.27 -2.30
CA TYR D 13 -14.22 11.68 -2.75
C TYR D 13 -13.13 12.40 -1.95
N LEU D 14 -13.25 13.70 -1.75
CA LEU D 14 -12.24 14.49 -1.06
C LEU D 14 -12.27 14.13 0.44
N ARG D 15 -13.43 13.72 0.94
CA ARG D 15 -13.50 13.32 2.33
C ARG D 15 -12.85 11.96 2.57
N GLU D 16 -12.82 11.15 1.51
CA GLU D 16 -12.30 9.80 1.58
C GLU D 16 -10.78 9.84 1.34
N MET D 17 -10.35 10.79 0.52
CA MET D 17 -8.94 10.92 0.20
C MET D 17 -8.19 11.54 1.38
N GLU D 18 -8.79 12.46 2.12
CA GLU D 18 -8.13 13.10 3.25
C GLU D 18 -7.75 12.09 4.36
N VAL D 19 -8.46 10.96 4.38
CA VAL D 19 -8.20 9.97 5.42
C VAL D 19 -6.98 9.19 4.97
N LYS D 20 -6.74 9.14 3.67
CA LYS D 20 -5.61 8.36 3.16
C LYS D 20 -4.34 9.19 3.04
N CYS D 21 -4.51 10.51 2.93
CA CYS D 21 -3.41 11.43 2.68
C CYS D 21 -3.03 12.13 3.98
N LYS D 22 -3.39 11.48 5.07
CA LYS D 22 -3.15 12.05 6.40
C LYS D 22 -1.71 11.75 6.77
N PRO D 23 -0.93 12.75 7.23
CA PRO D 23 0.34 12.52 7.90
C PRO D 23 0.14 11.94 9.26
N LYS D 24 1.12 11.21 9.75
CA LYS D 24 1.02 10.63 11.08
C LYS D 24 0.98 11.74 12.14
N VAL D 25 0.03 11.69 13.07
CA VAL D 25 -0.08 12.74 14.08
C VAL D 25 1.14 12.80 14.99
N GLY D 26 1.55 11.64 15.51
CA GLY D 26 2.53 11.63 16.60
C GLY D 26 3.96 11.67 16.10
N TYR D 27 4.18 12.36 14.99
CA TYR D 27 5.28 12.06 14.08
C TYR D 27 6.48 12.84 14.56
N MET D 28 6.25 14.06 15.03
CA MET D 28 7.43 14.90 15.28
C MET D 28 8.23 14.43 16.52
N LYS D 29 7.52 13.70 17.38
CA LYS D 29 8.06 13.05 18.60
C LYS D 29 9.02 11.89 18.30
N LYS D 30 8.90 11.35 17.10
CA LYS D 30 9.74 10.24 16.70
C LYS D 30 10.85 10.76 15.81
N GLN D 31 10.97 12.07 15.67
CA GLN D 31 12.10 12.60 14.94
C GLN D 31 13.17 13.07 15.93
N PRO D 32 14.34 12.41 15.93
CA PRO D 32 15.43 12.80 16.82
C PRO D 32 15.94 14.25 16.75
N ASP D 33 16.20 14.74 15.55
CA ASP D 33 16.91 16.00 15.33
C ASP D 33 16.07 17.21 14.96
N ILE D 34 14.78 17.05 14.63
CA ILE D 34 13.95 18.20 14.23
C ILE D 34 12.70 18.39 15.06
N THR D 35 12.18 19.60 15.03
CA THR D 35 11.20 20.10 16.01
C THR D 35 10.02 20.93 15.47
N ASN D 36 8.88 20.86 16.17
CA ASN D 36 7.74 21.69 15.74
C ASN D 36 8.07 23.16 15.45
N SER D 37 8.80 23.74 16.38
CA SER D 37 9.35 25.06 16.17
C SER D 37 10.13 25.24 14.87
N MET D 38 10.89 24.22 14.50
CA MET D 38 11.71 24.39 13.29
C MET D 38 10.78 24.27 12.06
N ARG D 39 9.83 23.35 12.21
CA ARG D 39 8.76 23.19 11.21
C ARG D 39 7.97 24.48 11.00
N ALA D 40 7.67 25.13 12.12
CA ALA D 40 7.09 26.46 11.99
C ALA D 40 7.97 27.44 11.22
N ILE D 41 9.28 27.44 11.51
CA ILE D 41 10.15 28.32 10.74
C ILE D 41 10.09 27.98 9.26
N LEU D 42 10.12 26.68 8.97
CA LEU D 42 10.13 26.12 7.59
C LEU D 42 8.92 26.61 6.79
N VAL D 43 7.76 26.42 7.43
CA VAL D 43 6.48 26.67 6.75
C VAL D 43 6.33 28.16 6.52
N ASP D 44 6.85 28.95 7.45
CA ASP D 44 6.78 30.41 7.37
C ASP D 44 7.61 30.85 6.18
N TRP D 45 8.69 30.12 5.93
CA TRP D 45 9.64 30.55 4.91
C TRP D 45 9.04 30.33 3.51
N LEU D 46 8.25 29.26 3.50
CA LEU D 46 7.56 28.81 2.31
C LEU D 46 6.48 29.85 2.03
N VAL D 47 5.78 30.29 3.07
CA VAL D 47 4.84 31.34 2.84
C VAL D 47 5.51 32.46 2.07
N GLU D 48 6.71 32.89 2.45
CA GLU D 48 7.39 33.90 1.64
C GLU D 48 7.84 33.51 0.25
N VAL D 49 8.32 32.29 0.09
CA VAL D 49 8.78 31.80 -1.22
C VAL D 49 7.58 31.80 -2.12
N GLY D 50 6.42 31.55 -1.53
CA GLY D 50 5.17 31.76 -2.23
C GLY D 50 4.88 33.17 -2.72
N GLU D 51 4.98 34.14 -1.83
CA GLU D 51 4.89 35.54 -2.25
C GLU D 51 5.89 36.01 -3.31
N GLU D 52 7.16 35.66 -3.12
CA GLU D 52 8.19 36.14 -4.00
C GLU D 52 7.90 35.73 -5.44
N TYR D 53 7.44 34.49 -5.58
CA TYR D 53 7.28 33.94 -6.92
C TYR D 53 5.80 33.93 -7.25
N LYS D 54 5.02 34.51 -6.34
CA LYS D 54 3.63 34.71 -6.70
C LYS D 54 2.99 33.41 -7.17
N LEU D 55 3.30 32.34 -6.45
CA LEU D 55 2.64 31.07 -6.55
C LEU D 55 1.31 31.15 -5.80
N GLN D 56 0.49 30.15 -6.09
CA GLN D 56 -0.88 30.12 -5.64
C GLN D 56 -1.00 29.62 -4.22
N ASN D 57 -2.13 29.92 -3.56
CA ASN D 57 -2.17 29.48 -2.18
C ASN D 57 -2.16 27.95 -2.11
N GLU D 58 -2.59 27.28 -3.16
CA GLU D 58 -2.81 25.83 -3.07
C GLU D 58 -1.42 25.20 -3.15
N THR D 59 -0.53 25.80 -3.93
CA THR D 59 0.90 25.44 -3.92
C THR D 59 1.59 25.31 -2.55
N LEU D 60 1.35 26.28 -1.69
CA LEU D 60 1.78 26.28 -0.31
C LEU D 60 1.12 25.10 0.39
N HIS D 61 -0.15 24.80 0.20
CA HIS D 61 -0.88 23.88 1.09
C HIS D 61 -0.40 22.48 0.77
N LEU D 62 -0.17 22.24 -0.51
CA LEU D 62 0.32 20.95 -0.98
C LEU D 62 1.74 20.64 -0.49
N ALA D 63 2.61 21.66 -0.53
CA ALA D 63 3.96 21.51 -0.02
C ALA D 63 3.98 21.04 1.42
N VAL D 64 3.14 21.63 2.25
CA VAL D 64 3.12 21.22 3.63
C VAL D 64 2.65 19.78 3.71
N ASN D 65 1.73 19.36 2.84
CA ASN D 65 1.22 18.00 2.92
C ASN D 65 2.30 17.00 2.51
N TYR D 66 3.11 17.40 1.52
CA TYR D 66 4.27 16.61 1.11
C TYR D 66 5.30 16.45 2.24
N ILE D 67 5.64 17.58 2.87
CA ILE D 67 6.60 17.65 3.95
C ILE D 67 6.15 16.79 5.11
N ASP D 68 4.94 17.07 5.58
CA ASP D 68 4.45 16.31 6.73
C ASP D 68 4.32 14.84 6.38
N ARG D 69 4.01 14.42 5.16
CA ARG D 69 3.95 13.00 4.89
C ARG D 69 5.37 12.38 4.71
N PHE D 70 6.28 13.16 4.13
CA PHE D 70 7.68 12.76 4.02
C PHE D 70 8.36 12.54 5.36
N LEU D 71 8.14 13.50 6.26
CA LEU D 71 8.61 13.41 7.64
C LEU D 71 7.94 12.34 8.50
N SER D 72 6.82 11.83 8.04
CA SER D 72 6.04 10.91 8.83
C SER D 72 6.61 9.54 8.65
N SER D 73 7.45 9.35 7.65
CA SER D 73 8.13 8.06 7.45
C SER D 73 9.65 8.07 7.23
N MET D 74 10.28 9.23 7.25
CA MET D 74 11.71 9.29 7.03
C MET D 74 12.28 10.23 8.06
N SER D 75 13.37 9.83 8.71
CA SER D 75 14.08 10.70 9.69
C SER D 75 14.96 11.68 8.96
N VAL D 76 14.73 12.97 9.19
CA VAL D 76 15.52 14.05 8.56
C VAL D 76 16.34 14.83 9.57
N LEU D 77 17.61 15.06 9.25
CA LEU D 77 18.41 15.86 10.17
C LEU D 77 18.08 17.31 9.91
N ARG D 78 18.38 18.10 10.93
CA ARG D 78 18.09 19.53 10.94
C ARG D 78 18.63 20.36 9.82
N GLY D 79 19.84 20.07 9.36
CA GLY D 79 20.36 20.83 8.22
C GLY D 79 19.87 20.36 6.87
N LYS D 80 19.23 19.20 6.83
CA LYS D 80 18.56 18.70 5.62
C LYS D 80 17.08 19.08 5.54
N LEU D 81 16.55 19.67 6.60
CA LEU D 81 15.13 19.95 6.62
C LEU D 81 14.64 20.88 5.52
N GLN D 82 15.45 21.85 5.12
CA GLN D 82 15.04 22.89 4.18
C GLN D 82 15.10 22.34 2.76
N LEU D 83 15.84 21.25 2.65
CA LEU D 83 16.02 20.68 1.33
C LEU D 83 14.75 19.87 1.12
N VAL D 84 14.27 19.20 2.16
CA VAL D 84 13.03 18.45 2.03
C VAL D 84 11.96 19.44 1.63
N GLY D 85 11.96 20.62 2.22
CA GLY D 85 10.94 21.61 1.90
C GLY D 85 11.10 22.23 0.52
N THR D 86 12.31 22.54 0.09
CA THR D 86 12.43 23.14 -1.24
C THR D 86 11.92 22.18 -2.35
N ALA D 87 12.22 20.90 -2.18
CA ALA D 87 11.82 19.90 -3.15
C ALA D 87 10.32 19.83 -3.10
N ALA D 88 9.75 19.94 -1.90
CA ALA D 88 8.33 19.80 -1.65
C ALA D 88 7.69 20.93 -2.42
N MET D 89 8.20 22.16 -2.28
CA MET D 89 7.68 23.34 -3.02
C MET D 89 7.91 23.20 -4.55
N LEU D 90 9.03 22.64 -4.96
CA LEU D 90 9.29 22.46 -6.37
C LEU D 90 8.17 21.54 -6.86
N LEU D 91 7.84 20.47 -6.17
CA LEU D 91 6.94 19.45 -6.70
C LEU D 91 5.52 20.03 -6.60
N ALA D 92 5.17 20.64 -5.47
CA ALA D 92 3.87 21.27 -5.38
C ALA D 92 3.69 22.25 -6.55
N SER D 93 4.70 23.06 -6.87
CA SER D 93 4.69 23.97 -8.01
C SER D 93 4.38 23.23 -9.29
N LYS D 94 5.06 22.11 -9.52
CA LYS D 94 4.94 21.33 -10.75
C LYS D 94 3.53 20.74 -10.92
N PHE D 95 2.91 20.28 -9.86
CA PHE D 95 1.57 19.72 -9.94
C PHE D 95 0.50 20.77 -10.23
N GLU D 96 0.59 21.90 -9.54
CA GLU D 96 -0.53 22.86 -9.51
C GLU D 96 -0.42 24.19 -10.28
N GLU D 97 0.81 24.66 -10.52
CA GLU D 97 1.05 25.88 -11.28
C GLU D 97 1.05 25.62 -12.74
N ILE D 98 0.60 26.60 -13.52
CA ILE D 98 0.53 26.48 -14.97
C ILE D 98 1.94 26.38 -15.49
N TYR D 99 2.78 27.28 -15.00
CA TYR D 99 4.24 27.26 -15.12
C TYR D 99 4.90 27.45 -13.75
N PRO D 100 5.76 26.49 -13.40
CA PRO D 100 6.50 26.53 -12.14
C PRO D 100 7.87 27.21 -12.27
N PRO D 101 8.42 27.73 -11.18
CA PRO D 101 9.72 28.32 -11.29
C PRO D 101 10.71 27.24 -11.58
N GLU D 102 11.85 27.69 -12.08
CA GLU D 102 12.86 26.73 -12.52
C GLU D 102 13.65 26.26 -11.30
N VAL D 103 14.30 25.11 -11.41
CA VAL D 103 15.05 24.62 -10.25
C VAL D 103 16.02 25.65 -9.69
N ALA D 104 16.75 26.26 -10.62
CA ALA D 104 17.77 27.26 -10.33
C ALA D 104 17.22 28.33 -9.41
N GLU D 105 15.93 28.60 -9.54
CA GLU D 105 15.30 29.57 -8.65
C GLU D 105 15.09 29.04 -7.25
N PHE D 106 14.79 27.75 -7.13
CA PHE D 106 14.54 27.14 -5.83
C PHE D 106 15.85 26.95 -5.07
N VAL D 107 16.92 26.67 -5.79
CA VAL D 107 18.29 26.95 -5.31
C VAL D 107 18.53 28.40 -4.80
N TYR D 108 18.43 29.37 -5.70
CA TYR D 108 18.71 30.72 -5.32
C TYR D 108 17.95 31.08 -4.05
N ILE D 109 16.75 30.58 -3.82
CA ILE D 109 15.99 31.06 -2.66
C ILE D 109 16.51 30.50 -1.32
N THR D 110 17.33 29.47 -1.44
CA THR D 110 17.98 28.98 -0.24
C THR D 110 19.35 29.62 0.05
N ASP D 111 19.74 30.60 -0.76
CA ASP D 111 21.09 31.16 -0.72
C ASP D 111 22.15 30.12 -1.00
N ASP D 112 21.85 29.24 -1.94
CA ASP D 112 22.85 28.23 -2.32
C ASP D 112 23.39 27.35 -1.20
N THR D 113 22.52 27.09 -0.23
CA THR D 113 22.72 25.99 0.71
C THR D 113 22.83 24.63 -0.01
N TYR D 114 21.95 24.38 -0.96
CA TYR D 114 21.98 23.11 -1.64
C TYR D 114 22.17 23.37 -3.13
N THR D 115 22.69 22.36 -3.81
CA THR D 115 22.95 22.42 -5.22
C THR D 115 21.78 21.87 -6.04
N LYS D 116 21.79 22.18 -7.34
CA LYS D 116 20.86 21.68 -8.33
C LYS D 116 20.75 20.19 -8.14
N LYS D 117 21.88 19.49 -8.12
CA LYS D 117 21.85 18.04 -7.96
C LYS D 117 21.08 17.59 -6.73
N GLN D 118 21.35 18.23 -5.60
CA GLN D 118 20.65 17.77 -4.40
C GLN D 118 19.15 18.05 -4.43
N VAL D 119 18.77 19.15 -5.08
CA VAL D 119 17.36 19.45 -5.20
C VAL D 119 16.64 18.47 -6.13
N LEU D 120 17.22 18.17 -7.28
CA LEU D 120 16.71 17.11 -8.14
C LEU D 120 16.71 15.78 -7.45
N ARG D 121 17.69 15.47 -6.61
CA ARG D 121 17.71 14.16 -5.97
C ARG D 121 16.67 14.04 -4.84
N MET D 122 16.40 15.13 -4.12
CA MET D 122 15.36 15.14 -3.09
C MET D 122 13.98 14.97 -3.71
N GLU D 123 13.78 15.70 -4.80
CA GLU D 123 12.59 15.59 -5.63
C GLU D 123 12.33 14.13 -5.99
N HIS D 124 13.39 13.45 -6.41
CA HIS D 124 13.22 12.03 -6.71
C HIS D 124 12.94 11.22 -5.44
N LEU D 125 13.65 11.48 -4.33
CA LEU D 125 13.41 10.72 -3.12
C LEU D 125 11.99 10.90 -2.62
N VAL D 126 11.57 12.16 -2.75
CA VAL D 126 10.24 12.56 -2.26
C VAL D 126 9.10 11.86 -3.02
N LEU D 127 9.22 11.76 -4.35
CA LEU D 127 8.26 11.12 -5.22
C LEU D 127 8.11 9.68 -4.73
N LYS D 128 9.25 9.03 -4.53
CA LYS D 128 9.24 7.64 -4.08
C LYS D 128 8.58 7.43 -2.71
N VAL D 129 8.90 8.31 -1.77
CA VAL D 129 8.33 8.14 -0.46
C VAL D 129 6.83 8.39 -0.52
N LEU D 130 6.44 9.39 -1.31
CA LEU D 130 5.03 9.72 -1.46
C LEU D 130 4.32 8.81 -2.48
N THR D 131 5.11 7.96 -3.13
CA THR D 131 4.61 7.01 -4.13
C THR D 131 3.88 7.75 -5.24
N PHE D 132 4.48 8.82 -5.73
CA PHE D 132 3.82 9.64 -6.74
C PHE D 132 2.38 10.04 -6.45
N ASP D 133 1.97 9.96 -5.19
CA ASP D 133 0.61 10.32 -4.82
C ASP D 133 0.56 11.75 -4.36
N LEU D 134 0.38 12.68 -5.29
CA LEU D 134 0.37 14.11 -5.00
C LEU D 134 -1.01 14.82 -5.00
N ALA D 135 -2.11 14.20 -5.39
CA ALA D 135 -3.32 14.99 -5.64
C ALA D 135 -4.05 15.01 -4.32
N ALA D 136 -3.52 15.77 -3.37
CA ALA D 136 -3.88 15.58 -1.98
C ALA D 136 -4.88 16.63 -1.55
N PRO D 137 -5.99 16.24 -0.93
CA PRO D 137 -6.87 17.29 -0.46
C PRO D 137 -6.27 18.20 0.60
N THR D 138 -6.54 19.49 0.53
CA THR D 138 -6.05 20.52 1.40
C THR D 138 -7.18 21.39 1.93
N VAL D 139 -6.86 22.34 2.82
CA VAL D 139 -7.87 23.06 3.57
C VAL D 139 -8.53 24.00 2.59
N ASN D 140 -7.69 24.74 1.87
CA ASN D 140 -8.04 25.55 0.69
C ASN D 140 -9.07 24.90 -0.24
N GLN D 141 -8.96 23.59 -0.50
CA GLN D 141 -9.90 22.92 -1.37
C GLN D 141 -11.23 22.75 -0.68
N PHE D 142 -11.26 22.42 0.60
CA PHE D 142 -12.56 22.36 1.23
C PHE D 142 -13.24 23.71 1.34
N LEU D 143 -12.43 24.73 1.57
CA LEU D 143 -12.93 26.07 1.76
C LEU D 143 -13.66 26.41 0.48
N THR D 144 -12.97 26.44 -0.64
CA THR D 144 -13.51 26.65 -1.98
C THR D 144 -14.86 25.93 -2.14
N GLN D 145 -14.93 24.68 -1.69
CA GLN D 145 -16.18 23.95 -1.81
C GLN D 145 -17.21 24.65 -0.92
N TYR D 146 -16.88 24.79 0.38
CA TYR D 146 -17.74 25.39 1.38
C TYR D 146 -18.23 26.74 0.93
N PHE D 147 -17.35 27.60 0.44
CA PHE D 147 -17.76 28.88 -0.14
C PHE D 147 -18.95 28.92 -1.05
N LEU D 148 -19.20 27.87 -1.84
CA LEU D 148 -20.44 27.72 -2.60
C LEU D 148 -21.74 27.61 -1.79
N HIS D 149 -21.75 27.94 -0.50
CA HIS D 149 -22.96 27.76 0.27
C HIS D 149 -23.01 29.00 1.15
N GLN D 150 -22.43 30.07 0.64
CA GLN D 150 -22.38 31.33 1.37
C GLN D 150 -23.43 32.31 0.84
N GLN D 151 -24.17 32.96 1.73
CA GLN D 151 -25.30 33.84 1.37
C GLN D 151 -25.35 35.18 2.11
N PRO D 152 -25.20 36.29 1.38
CA PRO D 152 -24.68 36.36 0.02
C PRO D 152 -23.16 36.08 0.01
N ALA D 153 -22.55 36.13 -1.17
CA ALA D 153 -21.11 36.00 -1.30
C ALA D 153 -20.46 37.28 -0.79
N ASN D 154 -19.19 37.17 -0.37
CA ASN D 154 -18.57 38.17 0.49
C ASN D 154 -17.05 38.09 0.55
N CYS D 155 -16.37 38.99 -0.13
CA CYS D 155 -14.95 38.80 -0.40
C CYS D 155 -14.12 38.77 0.85
N LYS D 156 -14.53 39.61 1.78
CA LYS D 156 -13.85 39.75 3.06
C LYS D 156 -13.95 38.48 3.90
N VAL D 157 -15.08 37.77 3.84
CA VAL D 157 -15.21 36.55 4.63
C VAL D 157 -14.29 35.51 4.01
N GLU D 158 -14.37 35.53 2.69
CA GLU D 158 -13.66 34.61 1.81
C GLU D 158 -12.18 34.75 2.09
N SER D 159 -11.68 35.98 2.03
CA SER D 159 -10.29 36.27 2.37
C SER D 159 -9.95 35.95 3.81
N LEU D 160 -10.78 36.33 4.78
CA LEU D 160 -10.46 36.02 6.17
C LEU D 160 -10.39 34.51 6.46
N ALA D 161 -11.28 33.74 5.83
CA ALA D 161 -11.36 32.30 6.05
C ALA D 161 -10.09 31.62 5.59
N MET D 162 -9.57 32.11 4.46
CA MET D 162 -8.34 31.68 3.79
C MET D 162 -7.17 31.96 4.73
N PHE D 163 -7.18 33.15 5.34
CA PHE D 163 -6.03 33.62 6.08
C PHE D 163 -5.91 32.73 7.30
N LEU D 164 -7.08 32.41 7.81
CA LEU D 164 -7.11 31.73 9.08
C LEU D 164 -6.53 30.38 8.79
N GLY D 165 -6.89 29.76 7.68
CA GLY D 165 -6.41 28.39 7.39
C GLY D 165 -4.92 28.25 7.10
N GLU D 166 -4.33 29.36 6.68
CA GLU D 166 -2.89 29.37 6.51
C GLU D 166 -2.25 29.41 7.88
N LEU D 167 -2.86 30.13 8.80
CA LEU D 167 -2.30 30.06 10.14
C LEU D 167 -2.23 28.61 10.59
N SER D 168 -3.22 27.85 10.19
CA SER D 168 -3.36 26.50 10.67
C SER D 168 -2.17 25.76 10.11
N LEU D 169 -1.60 26.18 8.98
CA LEU D 169 -0.50 25.42 8.45
C LEU D 169 0.72 25.38 9.37
N ILE D 170 0.87 26.46 10.14
CA ILE D 170 2.12 26.74 10.82
C ILE D 170 2.36 25.88 12.03
N ASP D 171 1.32 25.66 12.81
CA ASP D 171 1.44 25.00 14.13
C ASP D 171 0.91 23.56 14.15
N ALA D 172 1.83 22.62 13.95
CA ALA D 172 1.52 21.21 13.77
C ALA D 172 0.83 20.70 15.01
N ASP D 173 1.26 21.22 16.16
CA ASP D 173 0.49 21.03 17.38
C ASP D 173 -0.20 22.36 17.65
N PRO D 174 -1.53 22.40 17.55
CA PRO D 174 -2.47 21.27 17.55
C PRO D 174 -2.98 20.75 16.22
N TYR D 175 -2.66 21.43 15.13
CA TYR D 175 -3.41 21.26 13.92
C TYR D 175 -3.31 19.94 13.14
N LEU D 176 -2.37 19.05 13.48
CA LEU D 176 -2.34 17.75 12.81
C LEU D 176 -3.33 16.85 13.51
N LYS D 177 -3.96 17.38 14.54
CA LYS D 177 -5.00 16.67 15.25
C LYS D 177 -6.17 16.55 14.28
N TYR D 178 -6.29 17.58 13.44
CA TYR D 178 -7.53 17.78 12.68
C TYR D 178 -7.38 17.60 11.15
N LEU D 179 -8.37 16.97 10.50
CA LEU D 179 -8.36 16.70 9.06
C LEU D 179 -8.66 18.03 8.42
N PRO D 180 -8.33 18.27 7.14
CA PRO D 180 -8.53 19.57 6.54
C PRO D 180 -10.00 20.02 6.45
N SER D 181 -10.86 19.04 6.23
CA SER D 181 -12.27 19.35 6.04
C SER D 181 -12.82 20.04 7.27
N VAL D 182 -12.30 19.57 8.40
CA VAL D 182 -12.60 20.11 9.73
C VAL D 182 -11.99 21.48 10.01
N ILE D 183 -10.71 21.71 9.72
CA ILE D 183 -10.14 23.04 9.90
C ILE D 183 -10.83 24.09 9.02
N ALA D 184 -11.37 23.65 7.89
CA ALA D 184 -11.97 24.57 6.91
C ALA D 184 -13.30 25.01 7.50
N GLY D 185 -13.97 24.07 8.18
CA GLY D 185 -15.24 24.39 8.82
C GLY D 185 -15.04 25.55 9.77
N ALA D 186 -14.32 25.25 10.84
CA ALA D 186 -13.92 26.28 11.79
C ALA D 186 -13.38 27.54 11.11
N ALA D 187 -12.49 27.43 10.14
CA ALA D 187 -12.05 28.66 9.52
C ALA D 187 -13.20 29.43 8.88
N PHE D 188 -14.19 28.71 8.35
CA PHE D 188 -15.10 29.38 7.42
C PHE D 188 -16.11 30.01 8.38
N HIS D 189 -16.49 29.24 9.40
CA HIS D 189 -17.37 29.79 10.42
C HIS D 189 -16.78 31.04 11.09
N LEU D 190 -15.61 30.90 11.66
CA LEU D 190 -15.03 32.02 12.38
C LEU D 190 -14.77 33.28 11.55
N ALA D 191 -14.57 33.19 10.26
CA ALA D 191 -14.39 34.36 9.38
C ALA D 191 -15.76 35.03 9.17
N LEU D 192 -16.78 34.17 9.15
CA LEU D 192 -18.17 34.57 8.95
C LEU D 192 -18.70 35.44 10.10
N TYR D 193 -18.56 34.89 11.30
CA TYR D 193 -18.87 35.57 12.54
C TYR D 193 -18.05 36.83 12.75
N THR D 194 -16.76 36.88 12.47
CA THR D 194 -16.02 38.12 12.63
C THR D 194 -16.53 39.25 11.73
N VAL D 195 -16.99 38.92 10.52
CA VAL D 195 -17.20 39.95 9.49
C VAL D 195 -18.64 40.43 9.35
N THR D 196 -19.53 39.44 9.52
CA THR D 196 -20.96 39.67 9.38
C THR D 196 -21.79 39.13 10.54
N GLY D 197 -21.15 38.48 11.50
CA GLY D 197 -21.89 38.06 12.69
C GLY D 197 -22.80 36.89 12.38
N GLN D 198 -22.60 36.20 11.25
CA GLN D 198 -23.41 35.02 10.91
C GLN D 198 -22.64 33.75 11.28
N SER D 199 -23.36 32.67 11.55
CA SER D 199 -22.77 31.38 11.88
C SER D 199 -22.50 30.54 10.63
N TRP D 200 -22.10 29.29 10.88
CA TRP D 200 -21.87 28.20 9.95
C TRP D 200 -23.20 27.66 9.47
N PRO D 201 -23.51 27.73 8.18
CA PRO D 201 -24.85 27.55 7.67
C PRO D 201 -25.44 26.16 7.83
N GLU D 202 -26.76 26.11 7.67
CA GLU D 202 -27.52 24.90 7.92
C GLU D 202 -27.18 23.92 6.80
N SER D 203 -26.95 24.50 5.61
CA SER D 203 -26.72 23.73 4.37
C SER D 203 -25.45 22.93 4.55
N LEU D 204 -24.34 23.58 4.95
CA LEU D 204 -23.05 22.95 5.19
C LEU D 204 -23.12 22.00 6.38
N ILE D 205 -24.05 22.19 7.32
CA ILE D 205 -24.24 21.21 8.41
C ILE D 205 -24.76 19.88 7.86
N ARG D 206 -25.67 20.01 6.89
CA ARG D 206 -26.39 18.85 6.36
C ARG D 206 -25.48 18.07 5.45
N LYS D 207 -24.61 18.79 4.74
CA LYS D 207 -23.86 18.32 3.57
C LYS D 207 -22.54 17.66 4.02
N THR D 208 -21.91 18.28 5.02
CA THR D 208 -20.69 17.79 5.67
C THR D 208 -21.01 16.87 6.85
N GLY D 209 -22.14 17.10 7.50
CA GLY D 209 -22.45 16.35 8.71
C GLY D 209 -21.75 16.88 9.96
N TYR D 210 -21.24 18.10 9.83
CA TYR D 210 -20.56 18.74 10.94
C TYR D 210 -21.45 19.79 11.60
N THR D 211 -21.74 19.53 12.87
CA THR D 211 -22.52 20.45 13.70
C THR D 211 -21.56 21.54 14.12
N LEU D 212 -22.08 22.70 14.48
CA LEU D 212 -21.21 23.77 14.99
C LEU D 212 -20.52 23.19 16.21
N GLU D 213 -21.28 22.33 16.87
CA GLU D 213 -20.80 21.51 17.98
C GLU D 213 -19.53 20.76 17.64
N SER D 214 -19.61 19.78 16.74
CA SER D 214 -18.45 19.00 16.32
C SER D 214 -17.26 19.90 16.05
N LEU D 215 -17.47 21.06 15.44
CA LEU D 215 -16.40 21.97 15.11
C LEU D 215 -15.75 22.65 16.31
N LYS D 216 -16.42 22.64 17.45
CA LYS D 216 -15.97 23.51 18.54
C LYS D 216 -14.50 23.43 19.00
N PRO D 217 -14.03 22.23 19.37
CA PRO D 217 -12.65 22.02 19.75
C PRO D 217 -11.67 22.74 18.85
N CYS D 218 -11.89 22.56 17.55
CA CYS D 218 -11.00 23.17 16.58
C CYS D 218 -11.23 24.68 16.47
N LEU D 219 -12.51 25.01 16.63
CA LEU D 219 -12.92 26.41 16.68
C LEU D 219 -12.19 27.09 17.84
N MET D 220 -12.06 26.38 18.95
CA MET D 220 -11.33 26.90 20.12
C MET D 220 -9.90 27.31 19.76
N ASP D 221 -9.22 26.30 19.23
CA ASP D 221 -7.83 26.39 18.89
C ASP D 221 -7.63 27.50 17.88
N LEU D 222 -8.59 27.62 16.98
CA LEU D 222 -8.45 28.52 15.80
C LEU D 222 -8.50 30.00 16.23
N HIS D 223 -9.33 30.20 17.26
CA HIS D 223 -9.66 31.51 17.80
C HIS D 223 -8.51 32.09 18.61
N GLN D 224 -8.01 31.17 19.44
CA GLN D 224 -6.74 31.33 20.17
C GLN D 224 -5.69 31.90 19.25
N THR D 225 -5.36 31.13 18.21
CA THR D 225 -4.28 31.46 17.26
C THR D 225 -4.59 32.80 16.62
N TYR D 226 -5.87 33.05 16.42
CA TYR D 226 -6.34 34.25 15.75
C TYR D 226 -6.06 35.46 16.63
N LEU D 227 -6.42 35.40 17.91
CA LEU D 227 -5.96 36.39 18.91
C LEU D 227 -4.43 36.47 19.05
N LYS D 228 -3.72 35.39 19.36
CA LYS D 228 -2.25 35.43 19.47
C LYS D 228 -1.54 35.93 18.22
N ALA D 229 -2.27 36.04 17.11
CA ALA D 229 -1.67 36.23 15.80
C ALA D 229 -0.52 37.23 15.73
N PRO D 230 -0.68 38.47 16.21
CA PRO D 230 0.42 39.42 15.98
C PRO D 230 1.49 39.40 17.10
N GLN D 231 1.34 38.46 18.04
CA GLN D 231 2.38 38.11 19.00
C GLN D 231 3.33 37.18 18.26
N HIS D 232 2.75 36.12 17.69
CA HIS D 232 3.50 34.93 17.31
C HIS D 232 4.83 35.05 16.57
N ALA D 233 5.75 34.16 16.95
CA ALA D 233 7.14 34.22 16.54
C ALA D 233 7.23 34.51 15.05
N GLN D 234 6.34 33.87 14.28
CA GLN D 234 6.24 33.98 12.82
C GLN D 234 5.14 34.86 12.21
N GLN D 235 5.45 35.62 11.16
CA GLN D 235 4.69 36.83 10.83
C GLN D 235 4.29 36.88 9.37
N SER D 236 4.82 35.92 8.63
CA SER D 236 4.95 36.08 7.19
C SER D 236 3.60 36.13 6.46
N ILE D 237 2.64 35.38 7.02
CA ILE D 237 1.26 35.31 6.59
C ILE D 237 0.56 36.68 6.77
N ARG D 238 0.58 37.20 7.99
CA ARG D 238 0.01 38.52 8.29
C ARG D 238 0.54 39.58 7.29
N GLU D 239 1.81 39.45 6.96
CA GLU D 239 2.40 40.43 6.05
C GLU D 239 1.75 40.35 4.69
N LYS D 240 1.50 39.11 4.28
CA LYS D 240 0.91 38.84 2.98
C LYS D 240 -0.57 39.24 3.01
N TYR D 241 -1.25 38.91 4.09
CA TYR D 241 -2.66 39.25 4.20
C TYR D 241 -2.95 40.65 4.72
N LYS D 242 -1.92 41.50 4.81
CA LYS D 242 -2.07 42.95 5.01
C LYS D 242 -2.35 43.54 3.63
N ASN D 243 -1.97 42.83 2.58
CA ASN D 243 -2.03 43.37 1.22
C ASN D 243 -3.47 43.72 0.83
N SER D 244 -3.54 44.47 -0.27
CA SER D 244 -4.84 44.93 -0.76
C SER D 244 -5.65 43.87 -1.48
N LYS D 245 -4.98 42.95 -2.17
CA LYS D 245 -5.68 41.88 -2.86
C LYS D 245 -6.50 40.99 -1.93
N TYR D 246 -6.36 41.17 -0.63
CA TYR D 246 -7.03 40.34 0.36
C TYR D 246 -7.73 41.33 1.27
N HIS D 247 -7.85 42.57 0.79
CA HIS D 247 -8.72 43.57 1.42
C HIS D 247 -8.23 43.69 2.85
N GLY D 248 -6.93 43.44 3.06
CA GLY D 248 -6.31 43.70 4.35
C GLY D 248 -7.00 43.04 5.51
N VAL D 249 -7.52 41.84 5.24
CA VAL D 249 -8.27 41.11 6.25
C VAL D 249 -7.53 40.83 7.55
N SER D 250 -6.20 40.81 7.45
CA SER D 250 -5.31 40.62 8.61
C SER D 250 -5.37 41.69 9.72
N LEU D 251 -5.52 42.97 9.33
CA LEU D 251 -5.73 44.15 10.19
C LEU D 251 -7.04 44.14 10.98
N LEU D 252 -8.07 43.44 10.50
CA LEU D 252 -9.30 43.36 11.26
C LEU D 252 -9.07 42.92 12.71
N ASN D 253 -10.08 43.09 13.54
CA ASN D 253 -10.04 42.77 14.96
C ASN D 253 -10.73 41.47 15.31
N PRO D 254 -9.90 40.48 15.59
CA PRO D 254 -10.50 39.26 16.11
C PRO D 254 -11.59 39.56 17.13
N PRO D 255 -12.71 38.85 17.03
CA PRO D 255 -13.71 38.99 18.06
C PRO D 255 -13.05 38.31 19.24
N GLU D 256 -13.28 38.84 20.44
CA GLU D 256 -12.60 38.37 21.65
C GLU D 256 -13.51 37.35 22.31
N THR D 257 -14.46 36.85 21.52
CA THR D 257 -15.23 35.72 21.99
C THR D 257 -16.36 35.37 21.04
N LEU D 258 -16.47 34.06 20.79
CA LEU D 258 -17.44 33.51 19.84
C LEU D 258 -18.72 33.15 20.59
N ASN D 259 -18.58 32.41 21.67
CA ASN D 259 -19.73 31.81 22.33
C ASN D 259 -20.32 30.68 21.50
N LEU D 260 -20.82 31.09 20.34
CA LEU D 260 -21.67 30.30 19.42
C LEU D 260 -22.09 31.13 18.14
N ARG E 1 5.70 -32.46 -15.04
CA ARG E 1 5.11 -32.56 -16.37
C ARG E 1 4.73 -31.20 -16.98
N ARG E 2 4.66 -31.08 -18.30
CA ARG E 2 4.30 -29.84 -19.03
C ARG E 2 2.77 -29.96 -19.09
N ARG F 1 15.94 32.91 2.33
CA ARG F 1 17.16 32.88 3.17
C ARG F 1 17.58 31.48 3.57
N ARG F 2 18.83 31.35 4.05
CA ARG F 2 19.28 30.04 4.55
C ARG F 2 18.69 30.02 5.96
#